data_1PJ9
#
_entry.id   1PJ9
#
_cell.length_a   117.247
_cell.length_b   109.643
_cell.length_c   65.352
_cell.angle_alpha   90.00
_cell.angle_beta   90.00
_cell.angle_gamma   90.00
#
_symmetry.space_group_name_H-M   'P 21 21 21'
#
loop_
_entity.id
_entity.type
_entity.pdbx_description
1 polymer 'Cyclomaltodextrin glucanotransferase'
2 branched alpha-D-glucopyranose-(1-4)-alpha-D-glucopyranose
3 branched alpha-D-glucopyranose-(1-4)-alpha-D-glucopyranose-(1-4)-alpha-D-glucopyranose
4 non-polymer alpha-D-glucopyranose
5 non-polymer (4S)-2-METHYL-2,4-PENTANEDIOL
6 non-polymer 'ACETIC ACID'
7 non-polymer 'CALCIUM ION'
8 water water
#
_entity_poly.entity_id   1
_entity_poly.type   'polypeptide(L)'
_entity_poly.pdbx_seq_one_letter_code
;APDTSVSNKQNFSTDVIYQIFNDRFSDGNPANNPTGAAFDGTCTNLRLYCGGDWQGIINKINDGYLTGMGVTAIWISQPV
ENIYSIINYSGVNNTAYHGYWARDFKKTNPAYGTIADFQNLIAAAHAKNIKVIIDFAPNHTSPASSDQPSFAENGRLYDN
GTLLGGYTNDTQNLFHHNGGTDFSSYEDGIYRNLYDLADLNHNNSTVDVYLKDAIKMWLDLGIDGIRMDAVKHMPFGWQK
SFMAAVNNYKPVFTFGEWFLGVNEVSPENHKFANESGMSLLDFRFAQKVRQVFRDNTDNMYGLKAMLEGSAADYAQVDDQ
VTFIDNHDMERFHASNANRRKLEQALAFTLTSRGVPAIYYGTEQYMSGGTDPDNRARIPSFSTSTTAYQVIQKLAPLRKS
NPAIAYGSTQERWINNDVLIYERKFGSNVAVVAVNRNLNAPASISGLVTSLPQGSYNDVLGGLLNGNTLSVGSGGAASNF
TLAAGGTAVWQYTAATATPTIGHVGPMMAKPGVTITIDGRGFGSSKGTVYFGTTAVSGADITSWEDTQIKVKIPAVAGGN
YNIKVANAAGTASNVYDNFEVLSGDQVSVRFVVNNATTALGQNVYLTGSVSELGNWDPAKAIGPMYNQVVYQYPNWYYDV
SVPAGKTIEFKFLKKQGSTVTWEGGSNHTFTAPSSGTATINVNWQP
;
_entity_poly.pdbx_strand_id   A
#
loop_
_chem_comp.id
_chem_comp.type
_chem_comp.name
_chem_comp.formula
ACY non-polymer 'ACETIC ACID' 'C2 H4 O2'
CA non-polymer 'CALCIUM ION' 'Ca 2'
GLC D-saccharide, alpha linking alpha-D-glucopyranose 'C6 H12 O6'
MPD non-polymer (4S)-2-METHYL-2,4-PENTANEDIOL 'C6 H14 O2'
#
# COMPACT_ATOMS: atom_id res chain seq x y z
N ALA A 1 0.16 -24.38 -4.21
CA ALA A 1 1.15 -23.52 -4.85
C ALA A 1 2.06 -22.89 -3.79
N PRO A 2 3.30 -22.55 -4.16
CA PRO A 2 4.24 -21.95 -3.20
C PRO A 2 3.93 -20.48 -2.92
N ASP A 3 4.46 -19.98 -1.81
CA ASP A 3 4.22 -18.59 -1.43
C ASP A 3 4.66 -17.62 -2.52
N THR A 4 5.67 -18.03 -3.29
CA THR A 4 6.23 -17.18 -4.36
C THR A 4 5.48 -17.21 -5.68
N SER A 5 4.43 -18.01 -5.78
CA SER A 5 3.66 -18.13 -7.00
C SER A 5 2.99 -16.82 -7.43
N VAL A 6 2.88 -16.62 -8.74
CA VAL A 6 2.23 -15.43 -9.27
C VAL A 6 0.75 -15.44 -8.86
N SER A 7 0.25 -16.62 -8.52
CA SER A 7 -1.16 -16.77 -8.13
C SER A 7 -1.46 -16.26 -6.73
N ASN A 8 -0.42 -15.95 -5.96
CA ASN A 8 -0.62 -15.47 -4.59
C ASN A 8 -1.00 -13.99 -4.57
N LYS A 9 -2.30 -13.70 -4.55
CA LYS A 9 -2.78 -12.32 -4.56
C LYS A 9 -2.75 -11.67 -3.18
N GLN A 10 -2.52 -12.46 -2.14
CA GLN A 10 -2.51 -11.93 -0.77
C GLN A 10 -1.15 -11.50 -0.25
N ASN A 11 -0.09 -11.82 -0.99
CA ASN A 11 1.28 -11.57 -0.51
C ASN A 11 2.19 -11.04 -1.62
N PHE A 12 2.70 -9.83 -1.45
CA PHE A 12 3.62 -9.23 -2.44
C PHE A 12 5.02 -9.00 -1.86
N SER A 13 5.28 -9.55 -0.67
CA SER A 13 6.57 -9.35 -0.03
C SER A 13 7.73 -10.05 -0.75
N THR A 14 7.42 -11.08 -1.54
CA THR A 14 8.47 -11.77 -2.31
C THR A 14 8.57 -11.17 -3.71
N ASP A 15 7.78 -10.14 -3.97
CA ASP A 15 7.75 -9.49 -5.27
C ASP A 15 8.46 -8.13 -5.31
N VAL A 16 8.68 -7.64 -6.53
CA VAL A 16 9.24 -6.31 -6.75
C VAL A 16 8.28 -5.66 -7.75
N ILE A 17 7.66 -4.57 -7.31
CA ILE A 17 6.70 -3.84 -8.12
C ILE A 17 7.36 -2.78 -9.00
N TYR A 18 6.87 -2.67 -10.24
CA TYR A 18 7.36 -1.67 -11.17
C TYR A 18 6.16 -0.76 -11.40
N GLN A 19 6.26 0.51 -10.99
CA GLN A 19 5.15 1.44 -11.14
C GLN A 19 5.14 2.06 -12.53
N ILE A 20 4.15 1.70 -13.32
CA ILE A 20 4.04 2.19 -14.68
C ILE A 20 3.03 3.34 -14.85
N PHE A 21 3.51 4.44 -15.42
CA PHE A 21 2.62 5.54 -15.77
C PHE A 21 2.29 5.21 -17.21
N ASN A 22 1.19 4.48 -17.40
CA ASN A 22 0.75 4.00 -18.71
C ASN A 22 1.10 4.85 -19.92
N ASP A 23 0.64 6.10 -19.89
CA ASP A 23 0.84 7.01 -21.01
C ASP A 23 2.29 7.29 -21.39
N ARG A 24 3.18 7.17 -20.42
CA ARG A 24 4.58 7.50 -20.64
C ARG A 24 5.51 6.30 -20.77
N PHE A 25 4.94 5.10 -20.85
CA PHE A 25 5.75 3.88 -20.92
C PHE A 25 5.92 3.38 -22.36
N SER A 26 4.85 2.89 -22.98
CA SER A 26 4.95 2.40 -24.36
C SER A 26 3.62 2.42 -25.12
N ASP A 27 3.62 3.11 -26.26
CA ASP A 27 2.44 3.19 -27.12
C ASP A 27 2.45 1.97 -28.05
N GLY A 28 1.73 0.93 -27.64
CA GLY A 28 1.68 -0.29 -28.43
C GLY A 28 0.58 -0.29 -29.47
N ASN A 29 -0.37 0.63 -29.34
CA ASN A 29 -1.47 0.74 -30.29
C ASN A 29 -1.76 2.20 -30.58
N PRO A 30 -1.18 2.74 -31.67
CA PRO A 30 -1.38 4.15 -32.06
C PRO A 30 -2.84 4.47 -32.38
N ALA A 31 -3.62 3.45 -32.69
CA ALA A 31 -5.02 3.61 -33.05
C ALA A 31 -5.91 4.16 -31.94
N ASN A 32 -5.55 3.93 -30.68
CA ASN A 32 -6.35 4.42 -29.57
C ASN A 32 -5.86 5.75 -28.99
N ASN A 33 -4.86 6.35 -29.64
CA ASN A 33 -4.32 7.61 -29.16
C ASN A 33 -5.32 8.75 -29.25
N PRO A 34 -5.40 9.58 -28.20
CA PRO A 34 -6.33 10.72 -28.27
C PRO A 34 -5.84 11.57 -29.43
N THR A 35 -6.67 12.50 -29.90
CA THR A 35 -6.29 13.33 -31.03
C THR A 35 -6.34 14.82 -30.73
N GLY A 36 -5.89 15.62 -31.70
CA GLY A 36 -5.94 17.06 -31.55
C GLY A 36 -5.11 17.67 -30.45
N ALA A 37 -5.69 18.66 -29.78
CA ALA A 37 -5.03 19.39 -28.71
C ALA A 37 -4.78 18.56 -27.45
N ALA A 38 -5.33 17.35 -27.41
CA ALA A 38 -5.15 16.49 -26.25
C ALA A 38 -3.99 15.52 -26.44
N PHE A 39 -3.30 15.63 -27.57
CA PHE A 39 -2.23 14.70 -27.90
C PHE A 39 -0.93 15.31 -28.41
N ASP A 40 0.18 14.70 -28.02
CA ASP A 40 1.50 15.09 -28.47
C ASP A 40 2.34 13.81 -28.55
N GLY A 41 2.42 13.26 -29.76
CA GLY A 41 3.16 12.02 -29.97
C GLY A 41 4.63 12.07 -29.64
N THR A 42 5.21 13.27 -29.63
CA THR A 42 6.63 13.43 -29.33
C THR A 42 6.84 13.47 -27.81
N CYS A 43 5.73 13.58 -27.09
CA CYS A 43 5.75 13.66 -25.64
C CYS A 43 6.69 14.77 -25.16
N THR A 44 6.57 15.94 -25.79
CA THR A 44 7.35 17.10 -25.41
C THR A 44 6.52 17.87 -24.39
N ASN A 45 5.22 17.92 -24.64
CA ASN A 45 4.28 18.58 -23.74
C ASN A 45 3.85 17.50 -22.76
N LEU A 46 4.43 17.53 -21.56
CA LEU A 46 4.16 16.51 -20.55
C LEU A 46 2.79 16.59 -19.88
N ARG A 47 1.92 17.47 -20.37
CA ARG A 47 0.59 17.61 -19.80
C ARG A 47 -0.50 17.03 -20.71
N LEU A 48 -0.09 16.55 -21.88
CA LEU A 48 -1.02 15.97 -22.85
C LEU A 48 -0.78 14.47 -22.97
N TYR A 49 -1.66 13.77 -23.67
CA TYR A 49 -1.48 12.34 -23.88
C TYR A 49 -0.30 12.11 -24.81
N CYS A 50 0.53 11.13 -24.48
CA CYS A 50 1.69 10.79 -25.29
C CYS A 50 1.44 9.50 -26.08
N GLY A 51 0.47 8.71 -25.64
CA GLY A 51 0.13 7.50 -26.36
C GLY A 51 0.31 6.16 -25.65
N GLY A 52 1.05 6.16 -24.55
CA GLY A 52 1.30 4.92 -23.82
C GLY A 52 0.03 4.19 -23.44
N ASP A 53 0.00 2.88 -23.67
CA ASP A 53 -1.21 2.10 -23.41
C ASP A 53 -0.96 0.69 -22.91
N TRP A 54 -2.04 -0.09 -22.80
CA TRP A 54 -1.94 -1.46 -22.31
C TRP A 54 -1.23 -2.40 -23.28
N GLN A 55 -1.43 -2.20 -24.58
CA GLN A 55 -0.75 -3.06 -25.55
C GLN A 55 0.75 -2.84 -25.43
N GLY A 56 1.14 -1.61 -25.11
CA GLY A 56 2.54 -1.31 -24.93
C GLY A 56 3.12 -2.08 -23.75
N ILE A 57 2.35 -2.15 -22.67
CA ILE A 57 2.79 -2.88 -21.49
C ILE A 57 2.91 -4.37 -21.85
N ILE A 58 1.93 -4.87 -22.60
CA ILE A 58 1.96 -6.27 -23.03
C ILE A 58 3.23 -6.55 -23.82
N ASN A 59 3.60 -5.63 -24.72
CA ASN A 59 4.79 -5.82 -25.53
C ASN A 59 6.07 -5.85 -24.69
N LYS A 60 6.16 -4.95 -23.71
CA LYS A 60 7.34 -4.89 -22.86
C LYS A 60 7.39 -6.09 -21.90
N ILE A 61 6.24 -6.68 -21.65
CA ILE A 61 6.17 -7.88 -20.83
C ILE A 61 6.68 -9.06 -21.67
N ASN A 62 6.26 -9.08 -22.93
CA ASN A 62 6.64 -10.16 -23.82
C ASN A 62 8.06 -10.08 -24.38
N ASP A 63 8.64 -8.89 -24.50
CA ASP A 63 9.99 -8.82 -25.03
C ASP A 63 11.11 -8.85 -23.99
N GLY A 64 10.73 -9.14 -22.74
CA GLY A 64 11.73 -9.29 -21.68
C GLY A 64 12.25 -8.10 -20.92
N TYR A 65 11.81 -6.88 -21.24
CA TYR A 65 12.32 -5.72 -20.50
C TYR A 65 12.11 -5.87 -19.00
N LEU A 66 10.87 -6.16 -18.59
CA LEU A 66 10.57 -6.30 -17.18
C LEU A 66 11.06 -7.63 -16.59
N THR A 67 10.82 -8.73 -17.29
CA THR A 67 11.24 -10.03 -16.80
C THR A 67 12.75 -10.09 -16.61
N GLY A 68 13.48 -9.51 -17.56
CA GLY A 68 14.93 -9.51 -17.47
C GLY A 68 15.45 -8.70 -16.31
N MET A 69 14.62 -7.83 -15.76
CA MET A 69 15.00 -6.96 -14.67
C MET A 69 14.68 -7.59 -13.31
N GLY A 70 13.84 -8.63 -13.34
CA GLY A 70 13.45 -9.28 -12.09
C GLY A 70 12.16 -8.72 -11.53
N VAL A 71 11.48 -7.89 -12.33
CA VAL A 71 10.20 -7.32 -11.92
C VAL A 71 9.17 -8.45 -11.94
N THR A 72 8.37 -8.56 -10.88
CA THR A 72 7.38 -9.64 -10.80
C THR A 72 5.98 -9.11 -10.54
N ALA A 73 5.84 -7.79 -10.59
CA ALA A 73 4.53 -7.17 -10.38
C ALA A 73 4.57 -5.78 -10.99
N ILE A 74 3.43 -5.34 -11.50
CA ILE A 74 3.32 -4.01 -12.06
C ILE A 74 2.13 -3.29 -11.48
N TRP A 75 2.32 -2.01 -11.20
CA TRP A 75 1.26 -1.16 -10.68
C TRP A 75 1.01 -0.17 -11.80
N ILE A 76 -0.18 -0.27 -12.40
CA ILE A 76 -0.54 0.57 -13.52
C ILE A 76 -1.53 1.67 -13.16
N SER A 77 -1.69 2.63 -14.06
CA SER A 77 -2.59 3.76 -13.86
C SER A 77 -4.01 3.29 -13.62
N GLN A 78 -4.83 4.12 -12.98
CA GLN A 78 -6.22 3.77 -12.76
C GLN A 78 -6.76 3.43 -14.16
N PRO A 79 -7.36 2.25 -14.32
CA PRO A 79 -7.89 1.81 -15.61
C PRO A 79 -9.26 2.32 -16.06
N VAL A 80 -9.98 2.99 -15.17
CA VAL A 80 -11.33 3.45 -15.48
C VAL A 80 -11.40 4.65 -16.41
N GLU A 81 -12.55 4.81 -17.06
CA GLU A 81 -12.75 5.90 -17.99
C GLU A 81 -12.60 7.24 -17.29
N ASN A 82 -11.74 8.09 -17.84
CA ASN A 82 -11.51 9.43 -17.31
C ASN A 82 -12.25 10.44 -18.17
N ILE A 83 -12.28 11.70 -17.72
CA ILE A 83 -12.93 12.74 -18.51
C ILE A 83 -12.13 12.92 -19.79
N TYR A 84 -12.80 13.42 -20.83
CA TYR A 84 -12.16 13.63 -22.12
C TYR A 84 -11.82 15.11 -22.29
N SER A 85 -12.24 15.91 -21.33
CA SER A 85 -12.02 17.35 -21.35
C SER A 85 -10.55 17.75 -21.32
N ILE A 86 -10.23 18.82 -22.05
CA ILE A 86 -8.89 19.38 -22.03
C ILE A 86 -9.04 20.61 -21.15
N ILE A 87 -8.49 20.56 -19.95
CA ILE A 87 -8.62 21.66 -19.01
C ILE A 87 -7.53 22.71 -19.15
N ASN A 88 -7.95 23.96 -19.23
CA ASN A 88 -7.03 25.08 -19.35
C ASN A 88 -6.79 25.72 -17.99
N TYR A 89 -5.58 25.56 -17.47
CA TYR A 89 -5.22 26.14 -16.18
C TYR A 89 -4.25 27.29 -16.41
N SER A 90 -4.77 28.51 -16.35
CA SER A 90 -3.95 29.71 -16.56
C SER A 90 -3.17 29.65 -17.87
N GLY A 91 -3.89 29.36 -18.96
CA GLY A 91 -3.26 29.33 -20.27
C GLY A 91 -2.51 28.06 -20.64
N VAL A 92 -2.60 27.03 -19.81
CA VAL A 92 -1.92 25.77 -20.10
C VAL A 92 -2.93 24.61 -20.15
N ASN A 93 -2.94 23.90 -21.27
CA ASN A 93 -3.86 22.78 -21.43
C ASN A 93 -3.41 21.55 -20.64
N ASN A 94 -4.37 20.85 -20.06
CA ASN A 94 -4.11 19.66 -19.26
C ASN A 94 -5.11 18.57 -19.63
N THR A 95 -4.63 17.33 -19.68
CA THR A 95 -5.48 16.19 -19.99
C THR A 95 -5.43 15.18 -18.84
N ALA A 96 -6.26 14.15 -18.93
CA ALA A 96 -6.33 13.12 -17.90
C ALA A 96 -5.40 11.94 -18.22
N TYR A 97 -4.28 12.22 -18.87
CA TYR A 97 -3.33 11.16 -19.23
C TYR A 97 -2.91 10.35 -18.01
N HIS A 98 -2.94 10.97 -16.84
CA HIS A 98 -2.53 10.34 -15.59
C HIS A 98 -3.54 9.33 -15.05
N GLY A 99 -4.78 9.44 -15.53
CA GLY A 99 -5.84 8.51 -15.14
C GLY A 99 -6.54 8.76 -13.80
N TYR A 100 -6.23 9.87 -13.16
CA TYR A 100 -6.82 10.17 -11.85
C TYR A 100 -8.11 10.98 -11.86
N TRP A 101 -8.63 11.29 -13.05
CA TRP A 101 -9.87 12.04 -13.16
C TRP A 101 -10.98 11.14 -13.71
N ALA A 102 -11.50 10.26 -12.87
CA ALA A 102 -12.52 9.31 -13.27
C ALA A 102 -13.90 9.91 -13.57
N ARG A 103 -14.60 9.31 -14.52
CA ARG A 103 -15.96 9.71 -14.84
C ARG A 103 -16.87 8.49 -14.80
N ASP A 104 -16.29 7.30 -14.99
CA ASP A 104 -17.06 6.06 -14.96
C ASP A 104 -16.14 4.92 -14.48
N PHE A 105 -16.34 4.48 -13.23
CA PHE A 105 -15.51 3.41 -12.67
C PHE A 105 -15.82 2.01 -13.20
N LYS A 106 -16.85 1.91 -14.05
CA LYS A 106 -17.21 0.61 -14.61
C LYS A 106 -16.82 0.44 -16.07
N LYS A 107 -16.07 1.41 -16.60
CA LYS A 107 -15.59 1.35 -17.97
C LYS A 107 -14.08 1.59 -18.00
N THR A 108 -13.45 1.26 -19.12
CA THR A 108 -12.01 1.47 -19.26
C THR A 108 -11.75 2.85 -19.85
N ASN A 109 -10.50 3.29 -19.74
CA ASN A 109 -10.06 4.54 -20.35
C ASN A 109 -9.67 4.09 -21.75
N PRO A 110 -10.46 4.46 -22.78
CA PRO A 110 -10.16 4.05 -24.16
C PRO A 110 -8.75 4.34 -24.65
N ALA A 111 -8.09 5.33 -24.05
CA ALA A 111 -6.72 5.65 -24.44
C ALA A 111 -5.79 4.50 -24.04
N TYR A 112 -6.08 3.85 -22.91
CA TYR A 112 -5.26 2.72 -22.47
C TYR A 112 -5.67 1.46 -23.23
N GLY A 113 -6.97 1.33 -23.49
CA GLY A 113 -7.45 0.17 -24.21
C GLY A 113 -8.89 -0.20 -23.87
N THR A 114 -9.34 -1.30 -24.45
CA THR A 114 -10.69 -1.81 -24.23
C THR A 114 -10.67 -2.84 -23.11
N ILE A 115 -11.85 -3.34 -22.74
CA ILE A 115 -11.96 -4.37 -21.72
C ILE A 115 -11.15 -5.57 -22.20
N ALA A 116 -11.27 -5.88 -23.48
CA ALA A 116 -10.53 -7.00 -24.07
C ALA A 116 -9.03 -6.80 -23.91
N ASP A 117 -8.55 -5.59 -24.18
CA ASP A 117 -7.13 -5.29 -24.03
C ASP A 117 -6.70 -5.56 -22.58
N PHE A 118 -7.56 -5.16 -21.63
CA PHE A 118 -7.24 -5.36 -20.22
C PHE A 118 -7.12 -6.84 -19.90
N GLN A 119 -8.03 -7.63 -20.46
CA GLN A 119 -8.00 -9.08 -20.24
C GLN A 119 -6.73 -9.68 -20.82
N ASN A 120 -6.29 -9.16 -21.98
CA ASN A 120 -5.07 -9.65 -22.60
C ASN A 120 -3.86 -9.24 -21.75
N LEU A 121 -3.95 -8.08 -21.11
CA LEU A 121 -2.85 -7.62 -20.25
C LEU A 121 -2.72 -8.55 -19.05
N ILE A 122 -3.85 -8.84 -18.41
CA ILE A 122 -3.86 -9.73 -17.25
C ILE A 122 -3.28 -11.08 -17.66
N ALA A 123 -3.70 -11.56 -18.83
CA ALA A 123 -3.24 -12.85 -19.33
C ALA A 123 -1.74 -12.88 -19.60
N ALA A 124 -1.25 -11.87 -20.32
CA ALA A 124 0.17 -11.79 -20.66
C ALA A 124 1.06 -11.66 -19.43
N ALA A 125 0.63 -10.83 -18.48
CA ALA A 125 1.40 -10.63 -17.26
C ALA A 125 1.48 -11.94 -16.48
N HIS A 126 0.34 -12.58 -16.26
CA HIS A 126 0.33 -13.84 -15.53
C HIS A 126 1.15 -14.93 -16.20
N ALA A 127 1.12 -14.97 -17.53
CA ALA A 127 1.89 -15.97 -18.27
C ALA A 127 3.40 -15.80 -18.00
N LYS A 128 3.81 -14.58 -17.67
CA LYS A 128 5.21 -14.30 -17.37
C LYS A 128 5.45 -14.16 -15.86
N ASN A 129 4.53 -14.68 -15.06
CA ASN A 129 4.63 -14.63 -13.60
C ASN A 129 4.68 -13.22 -13.03
N ILE A 130 3.98 -12.30 -13.68
CA ILE A 130 3.92 -10.92 -13.22
C ILE A 130 2.50 -10.63 -12.72
N LYS A 131 2.41 -10.13 -11.48
CA LYS A 131 1.12 -9.78 -10.89
C LYS A 131 0.70 -8.39 -11.34
N VAL A 132 -0.60 -8.13 -11.36
CA VAL A 132 -1.08 -6.84 -11.81
C VAL A 132 -1.86 -6.08 -10.73
N ILE A 133 -1.37 -4.88 -10.42
CA ILE A 133 -1.98 -3.99 -9.44
C ILE A 133 -2.54 -2.78 -10.19
N ILE A 134 -3.80 -2.43 -9.91
CA ILE A 134 -4.37 -1.24 -10.53
C ILE A 134 -4.51 -0.12 -9.51
N ASP A 135 -4.30 1.11 -9.96
CA ASP A 135 -4.51 2.26 -9.11
C ASP A 135 -6.03 2.38 -9.08
N PHE A 136 -6.59 2.88 -7.99
CA PHE A 136 -8.03 3.06 -7.87
C PHE A 136 -8.22 4.30 -7.00
N ALA A 137 -8.91 5.31 -7.54
CA ALA A 137 -9.08 6.58 -6.84
C ALA A 137 -10.55 6.93 -6.56
N PRO A 138 -11.14 6.31 -5.53
CA PRO A 138 -12.54 6.55 -5.18
C PRO A 138 -12.80 7.78 -4.32
N ASN A 139 -11.80 8.63 -4.15
CA ASN A 139 -11.97 9.84 -3.35
C ASN A 139 -12.74 10.91 -4.13
N HIS A 140 -12.58 10.91 -5.44
CA HIS A 140 -13.16 11.95 -6.28
C HIS A 140 -13.40 11.49 -7.71
N THR A 141 -14.03 12.36 -8.49
CA THR A 141 -14.21 12.08 -9.90
C THR A 141 -13.18 12.93 -10.66
N SER A 142 -13.51 14.19 -10.92
CA SER A 142 -12.61 15.06 -11.68
C SER A 142 -12.75 16.53 -11.30
N PRO A 143 -11.90 17.40 -11.88
CA PRO A 143 -11.96 18.83 -11.57
C PRO A 143 -13.36 19.39 -11.87
N ALA A 144 -13.88 20.20 -10.95
CA ALA A 144 -15.20 20.78 -11.13
C ALA A 144 -15.32 22.16 -10.53
N SER A 145 -16.29 22.92 -11.03
CA SER A 145 -16.57 24.26 -10.55
C SER A 145 -18.08 24.33 -10.29
N SER A 146 -18.45 24.50 -9.03
CA SER A 146 -19.86 24.53 -8.63
C SER A 146 -20.72 25.57 -9.35
N ASP A 147 -20.18 26.77 -9.52
CA ASP A 147 -20.93 27.85 -10.15
C ASP A 147 -20.52 28.09 -11.60
N GLN A 148 -19.82 27.12 -12.18
CA GLN A 148 -19.40 27.21 -13.57
C GLN A 148 -19.36 25.79 -14.16
N PRO A 149 -20.53 25.16 -14.26
CA PRO A 149 -20.69 23.80 -14.79
C PRO A 149 -20.08 23.53 -16.15
N SER A 150 -19.76 24.59 -16.89
CA SER A 150 -19.15 24.43 -18.22
C SER A 150 -17.68 24.05 -18.08
N PHE A 151 -17.15 24.16 -16.87
CA PHE A 151 -15.75 23.83 -16.61
C PHE A 151 -15.56 22.31 -16.62
N ALA A 152 -14.60 21.85 -17.40
CA ALA A 152 -14.32 20.41 -17.50
C ALA A 152 -15.64 19.68 -17.75
N GLU A 153 -15.86 18.60 -17.00
CA GLU A 153 -17.10 17.86 -17.13
C GLU A 153 -17.93 17.94 -15.85
N ASN A 154 -17.73 19.01 -15.09
CA ASN A 154 -18.47 19.26 -13.86
C ASN A 154 -18.36 18.09 -12.89
N GLY A 155 -17.25 17.35 -12.97
CA GLY A 155 -17.05 16.21 -12.09
C GLY A 155 -18.12 15.15 -12.22
N ARG A 156 -18.82 15.14 -13.35
CA ARG A 156 -19.91 14.17 -13.57
C ARG A 156 -19.50 12.70 -13.43
N LEU A 157 -20.35 11.95 -12.75
CA LEU A 157 -20.13 10.52 -12.51
C LEU A 157 -21.14 9.67 -13.27
N TYR A 158 -20.66 8.67 -13.99
CA TYR A 158 -21.53 7.77 -14.73
C TYR A 158 -21.41 6.35 -14.19
N ASP A 159 -22.49 5.60 -14.34
CA ASP A 159 -22.53 4.21 -13.93
C ASP A 159 -22.71 3.38 -15.20
N ASN A 160 -21.58 2.94 -15.76
CA ASN A 160 -21.57 2.17 -17.00
C ASN A 160 -22.40 2.87 -18.06
N GLY A 161 -22.15 4.17 -18.25
CA GLY A 161 -22.86 4.92 -19.26
C GLY A 161 -24.01 5.78 -18.77
N THR A 162 -24.67 5.34 -17.70
CA THR A 162 -25.80 6.09 -17.15
C THR A 162 -25.33 7.18 -16.19
N LEU A 163 -25.68 8.42 -16.51
CA LEU A 163 -25.29 9.56 -15.68
C LEU A 163 -25.94 9.49 -14.31
N LEU A 164 -25.12 9.60 -13.27
CA LEU A 164 -25.65 9.61 -11.90
C LEU A 164 -25.87 11.05 -11.46
N GLY A 165 -24.92 11.92 -11.77
CA GLY A 165 -25.03 13.31 -11.39
C GLY A 165 -23.73 14.08 -11.53
N GLY A 166 -23.81 15.41 -11.41
CA GLY A 166 -22.63 16.24 -11.52
C GLY A 166 -22.44 17.09 -10.27
N TYR A 167 -21.38 17.89 -10.23
CA TYR A 167 -21.11 18.71 -9.05
C TYR A 167 -22.10 19.85 -8.89
N THR A 168 -22.56 20.40 -10.02
CA THR A 168 -23.54 21.49 -10.00
C THR A 168 -24.93 20.91 -9.82
N ASN A 169 -25.75 21.56 -9.01
CA ASN A 169 -27.11 21.11 -8.76
C ASN A 169 -27.11 19.68 -8.24
N ASP A 170 -26.18 19.38 -7.34
CA ASP A 170 -26.04 18.05 -6.75
C ASP A 170 -27.09 17.86 -5.66
N THR A 171 -28.35 17.70 -6.09
CA THR A 171 -29.46 17.51 -5.18
C THR A 171 -29.43 16.17 -4.46
N GLN A 172 -28.69 15.22 -5.01
CA GLN A 172 -28.60 13.89 -4.39
C GLN A 172 -27.52 13.86 -3.31
N ASN A 173 -26.66 14.87 -3.32
CA ASN A 173 -25.54 14.92 -2.37
C ASN A 173 -24.57 13.78 -2.65
N LEU A 174 -24.25 13.59 -3.93
CA LEU A 174 -23.29 12.56 -4.32
C LEU A 174 -21.89 13.05 -3.97
N PHE A 175 -21.73 14.37 -3.90
CA PHE A 175 -20.43 14.99 -3.58
C PHE A 175 -20.50 15.88 -2.36
N HIS A 176 -19.33 16.27 -1.85
CA HIS A 176 -19.24 17.17 -0.72
C HIS A 176 -19.23 18.60 -1.23
N HIS A 177 -19.88 19.50 -0.50
CA HIS A 177 -19.92 20.91 -0.86
C HIS A 177 -19.46 21.72 0.34
N ASN A 178 -18.26 21.38 0.80
CA ASN A 178 -17.67 22.03 1.97
C ASN A 178 -16.43 22.83 1.60
N GLY A 179 -16.37 23.30 0.36
CA GLY A 179 -15.21 24.07 -0.07
C GLY A 179 -13.99 23.21 -0.28
N GLY A 180 -12.81 23.82 -0.19
CA GLY A 180 -11.57 23.08 -0.39
C GLY A 180 -10.74 22.94 0.88
N THR A 181 -9.98 21.86 0.97
CA THR A 181 -9.17 21.62 2.16
C THR A 181 -7.89 22.46 2.18
N ASP A 182 -7.48 22.85 3.38
CA ASP A 182 -6.25 23.60 3.55
C ASP A 182 -5.25 22.69 4.27
N PHE A 183 -5.59 21.40 4.32
CA PHE A 183 -4.74 20.38 4.93
C PHE A 183 -4.44 20.66 6.41
N SER A 184 -5.27 21.46 7.06
CA SER A 184 -5.05 21.81 8.47
C SER A 184 -5.32 20.68 9.45
N SER A 185 -6.13 19.70 9.06
CA SER A 185 -6.43 18.56 9.91
C SER A 185 -6.91 17.42 9.03
N TYR A 186 -6.92 16.20 9.58
CA TYR A 186 -7.37 15.05 8.81
C TYR A 186 -8.83 15.23 8.39
N GLU A 187 -9.65 15.68 9.32
CA GLU A 187 -11.07 15.91 9.04
C GLU A 187 -11.23 16.90 7.89
N ASP A 188 -10.44 17.98 7.91
CA ASP A 188 -10.52 19.00 6.88
C ASP A 188 -10.14 18.43 5.51
N GLY A 189 -9.09 17.62 5.48
CA GLY A 189 -8.64 17.04 4.23
C GLY A 189 -9.51 15.89 3.74
N ILE A 190 -10.43 15.43 4.59
CA ILE A 190 -11.31 14.33 4.23
C ILE A 190 -12.67 14.80 3.70
N TYR A 191 -13.28 15.76 4.38
CA TYR A 191 -14.61 16.21 4.00
C TYR A 191 -14.72 17.47 3.14
N ARG A 192 -13.58 17.99 2.72
CA ARG A 192 -13.54 19.14 1.81
C ARG A 192 -12.83 18.66 0.55
N ASN A 193 -12.93 19.43 -0.54
CA ASN A 193 -12.32 19.01 -1.79
C ASN A 193 -10.80 19.06 -1.80
N LEU A 194 -10.19 18.07 -2.44
CA LEU A 194 -8.75 18.04 -2.63
C LEU A 194 -8.57 18.87 -3.89
N TYR A 195 -8.03 20.07 -3.73
CA TYR A 195 -7.87 20.99 -4.85
C TYR A 195 -9.26 21.30 -5.43
N ASP A 196 -9.43 21.12 -6.74
CA ASP A 196 -10.74 21.39 -7.35
C ASP A 196 -11.44 20.09 -7.75
N LEU A 197 -10.98 18.97 -7.21
CA LEU A 197 -11.56 17.67 -7.51
C LEU A 197 -12.87 17.44 -6.76
N ALA A 198 -13.93 17.10 -7.50
CA ALA A 198 -15.24 16.84 -6.90
C ALA A 198 -15.12 15.72 -5.89
N ASP A 199 -15.28 16.04 -4.61
CA ASP A 199 -15.14 15.06 -3.54
C ASP A 199 -16.38 14.18 -3.39
N LEU A 200 -16.21 12.87 -3.63
CA LEU A 200 -17.31 11.93 -3.50
C LEU A 200 -17.75 11.80 -2.04
N ASN A 201 -19.06 11.68 -1.85
CA ASN A 201 -19.66 11.52 -0.52
C ASN A 201 -19.96 10.05 -0.28
N HIS A 202 -19.05 9.36 0.42
CA HIS A 202 -19.23 7.95 0.67
C HIS A 202 -20.34 7.61 1.67
N ASN A 203 -20.93 8.64 2.27
CA ASN A 203 -22.05 8.42 3.20
C ASN A 203 -23.35 8.34 2.40
N ASN A 204 -23.28 8.68 1.12
CA ASN A 204 -24.43 8.57 0.22
C ASN A 204 -24.48 7.12 -0.22
N SER A 205 -25.60 6.44 0.03
CA SER A 205 -25.75 5.03 -0.30
C SER A 205 -25.46 4.69 -1.75
N THR A 206 -25.87 5.57 -2.67
CA THR A 206 -25.64 5.33 -4.09
C THR A 206 -24.15 5.26 -4.37
N VAL A 207 -23.41 6.25 -3.87
CA VAL A 207 -21.97 6.30 -4.06
C VAL A 207 -21.30 5.08 -3.41
N ASP A 208 -21.73 4.76 -2.19
CA ASP A 208 -21.17 3.63 -1.46
C ASP A 208 -21.33 2.32 -2.23
N VAL A 209 -22.56 1.98 -2.56
CA VAL A 209 -22.85 0.75 -3.29
C VAL A 209 -22.16 0.73 -4.64
N TYR A 210 -22.21 1.87 -5.33
CA TYR A 210 -21.59 2.01 -6.65
C TYR A 210 -20.11 1.66 -6.67
N LEU A 211 -19.33 2.26 -5.78
CA LEU A 211 -17.89 2.03 -5.74
C LEU A 211 -17.53 0.60 -5.35
N LYS A 212 -18.31 0.01 -4.46
CA LYS A 212 -18.06 -1.37 -4.06
C LYS A 212 -18.40 -2.33 -5.20
N ASP A 213 -19.44 -2.01 -5.96
CA ASP A 213 -19.80 -2.83 -7.11
C ASP A 213 -18.70 -2.69 -8.15
N ALA A 214 -18.18 -1.48 -8.31
CA ALA A 214 -17.13 -1.20 -9.29
C ALA A 214 -15.86 -2.02 -9.05
N ILE A 215 -15.36 -2.02 -7.81
CA ILE A 215 -14.13 -2.74 -7.53
C ILE A 215 -14.33 -4.23 -7.79
N LYS A 216 -15.54 -4.72 -7.57
CA LYS A 216 -15.85 -6.11 -7.80
C LYS A 216 -15.65 -6.48 -9.26
N MET A 217 -16.03 -5.57 -10.16
CA MET A 217 -15.86 -5.80 -11.59
C MET A 217 -14.38 -6.03 -11.90
N TRP A 218 -13.53 -5.16 -11.36
CA TRP A 218 -12.10 -5.28 -11.60
C TRP A 218 -11.51 -6.53 -10.97
N LEU A 219 -12.04 -6.90 -9.80
CA LEU A 219 -11.58 -8.12 -9.13
C LEU A 219 -11.96 -9.32 -10.01
N ASP A 220 -13.13 -9.24 -10.65
CA ASP A 220 -13.57 -10.31 -11.52
C ASP A 220 -12.71 -10.39 -12.78
N LEU A 221 -12.06 -9.29 -13.13
CA LEU A 221 -11.19 -9.27 -14.30
C LEU A 221 -9.82 -9.86 -14.00
N GLY A 222 -9.61 -10.24 -12.73
CA GLY A 222 -8.37 -10.90 -12.37
C GLY A 222 -7.20 -10.09 -11.81
N ILE A 223 -7.45 -8.87 -11.35
CA ILE A 223 -6.36 -8.09 -10.78
C ILE A 223 -5.81 -8.80 -9.55
N ASP A 224 -4.54 -8.56 -9.25
CA ASP A 224 -3.89 -9.21 -8.12
C ASP A 224 -3.71 -8.29 -6.91
N GLY A 225 -3.93 -7.00 -7.11
CA GLY A 225 -3.77 -6.05 -6.02
C GLY A 225 -4.34 -4.69 -6.35
N ILE A 226 -4.44 -3.83 -5.34
CA ILE A 226 -4.99 -2.49 -5.52
C ILE A 226 -4.16 -1.44 -4.82
N ARG A 227 -3.88 -0.35 -5.53
CA ARG A 227 -3.18 0.79 -4.94
C ARG A 227 -4.25 1.86 -4.80
N MET A 228 -4.65 2.14 -3.56
CA MET A 228 -5.69 3.11 -3.27
C MET A 228 -5.15 4.54 -3.21
N ASP A 229 -5.73 5.40 -4.03
CA ASP A 229 -5.33 6.80 -4.12
C ASP A 229 -5.88 7.67 -3.00
N ALA A 230 -5.05 8.59 -2.49
CA ALA A 230 -5.44 9.56 -1.47
C ALA A 230 -6.25 9.01 -0.30
N VAL A 231 -5.77 7.96 0.35
CA VAL A 231 -6.52 7.37 1.44
C VAL A 231 -6.57 8.26 2.69
N LYS A 232 -5.66 9.23 2.76
CA LYS A 232 -5.65 10.17 3.88
C LYS A 232 -6.82 11.14 3.73
N HIS A 233 -7.45 11.13 2.56
CA HIS A 233 -8.54 12.05 2.25
C HIS A 233 -9.94 11.45 2.18
N MET A 234 -10.06 10.20 2.62
CA MET A 234 -11.37 9.53 2.66
C MET A 234 -11.61 9.06 4.08
N PRO A 235 -12.88 8.91 4.48
CA PRO A 235 -13.19 8.45 5.85
C PRO A 235 -12.53 7.11 6.11
N PHE A 236 -11.74 7.03 7.17
CA PHE A 236 -11.04 5.79 7.49
C PHE A 236 -12.02 4.66 7.75
N GLY A 237 -13.16 4.98 8.35
CA GLY A 237 -14.18 3.98 8.63
C GLY A 237 -14.82 3.44 7.37
N TRP A 238 -15.10 4.33 6.42
CA TRP A 238 -15.68 3.88 5.15
C TRP A 238 -14.70 2.98 4.44
N GLN A 239 -13.43 3.37 4.45
CA GLN A 239 -12.41 2.59 3.78
C GLN A 239 -12.28 1.20 4.39
N LYS A 240 -12.50 1.09 5.70
CA LYS A 240 -12.45 -0.22 6.31
C LYS A 240 -13.60 -1.06 5.75
N SER A 241 -14.77 -0.44 5.58
CA SER A 241 -15.93 -1.17 5.05
C SER A 241 -15.66 -1.54 3.59
N PHE A 242 -14.88 -0.71 2.90
CA PHE A 242 -14.53 -0.98 1.51
C PHE A 242 -13.60 -2.19 1.45
N MET A 243 -12.58 -2.21 2.31
CA MET A 243 -11.66 -3.33 2.35
C MET A 243 -12.39 -4.61 2.75
N ALA A 244 -13.40 -4.47 3.58
CA ALA A 244 -14.19 -5.63 4.01
C ALA A 244 -14.95 -6.20 2.80
N ALA A 245 -15.50 -5.31 1.98
CA ALA A 245 -16.24 -5.72 0.79
C ALA A 245 -15.30 -6.51 -0.11
N VAL A 246 -14.09 -5.98 -0.28
CA VAL A 246 -13.08 -6.65 -1.09
C VAL A 246 -12.68 -7.99 -0.50
N ASN A 247 -12.30 -7.99 0.77
CA ASN A 247 -11.84 -9.20 1.42
C ASN A 247 -12.90 -10.28 1.60
N ASN A 248 -14.15 -9.87 1.79
CA ASN A 248 -15.22 -10.85 1.96
C ASN A 248 -15.75 -11.36 0.62
N TYR A 249 -15.11 -10.91 -0.46
CA TYR A 249 -15.49 -11.34 -1.81
C TYR A 249 -14.28 -12.04 -2.43
N LYS A 250 -13.30 -11.25 -2.86
CA LYS A 250 -12.07 -11.77 -3.45
C LYS A 250 -10.93 -10.90 -2.94
N PRO A 251 -10.30 -11.31 -1.82
CA PRO A 251 -9.20 -10.52 -1.27
C PRO A 251 -7.95 -10.44 -2.14
N VAL A 252 -7.43 -9.22 -2.28
CA VAL A 252 -6.19 -8.97 -3.01
C VAL A 252 -5.41 -7.94 -2.22
N PHE A 253 -4.09 -8.04 -2.28
CA PHE A 253 -3.19 -7.14 -1.57
C PHE A 253 -3.55 -5.69 -1.92
N THR A 254 -3.82 -4.89 -0.90
CA THR A 254 -4.18 -3.50 -1.13
C THR A 254 -3.35 -2.55 -0.28
N PHE A 255 -2.86 -1.48 -0.89
CA PHE A 255 -2.07 -0.48 -0.19
C PHE A 255 -2.49 0.93 -0.63
N GLY A 256 -2.55 1.84 0.33
CA GLY A 256 -2.99 3.19 0.02
C GLY A 256 -1.93 4.26 0.06
N GLU A 257 -2.20 5.37 -0.62
CA GLU A 257 -1.27 6.49 -0.63
C GLU A 257 -1.63 7.45 0.50
N TRP A 258 -0.77 7.51 1.51
CA TRP A 258 -0.92 8.43 2.63
C TRP A 258 0.38 9.22 2.64
N PHE A 259 0.37 10.35 1.94
CA PHE A 259 1.57 11.17 1.83
C PHE A 259 2.10 11.65 3.18
N LEU A 260 3.42 11.56 3.34
CA LEU A 260 4.10 12.04 4.54
C LEU A 260 5.28 12.88 4.07
N GLY A 261 5.51 14.00 4.74
CA GLY A 261 6.62 14.86 4.36
C GLY A 261 7.89 14.48 5.09
N VAL A 262 8.98 15.19 4.80
CA VAL A 262 10.25 14.92 5.45
C VAL A 262 10.11 15.05 6.97
N ASN A 263 10.69 14.10 7.68
CA ASN A 263 10.65 14.06 9.14
C ASN A 263 9.27 13.85 9.77
N GLU A 264 8.26 13.55 8.95
CA GLU A 264 6.93 13.35 9.51
C GLU A 264 6.67 11.91 9.92
N VAL A 265 6.31 11.72 11.18
CA VAL A 265 5.95 10.41 11.72
C VAL A 265 4.55 10.59 12.27
N SER A 266 3.57 9.94 11.63
CA SER A 266 2.17 10.08 11.98
C SER A 266 1.50 8.91 12.68
N PRO A 267 1.04 9.11 13.93
CA PRO A 267 0.38 8.05 14.68
C PRO A 267 -0.91 7.62 13.95
N GLU A 268 -1.60 8.57 13.35
CA GLU A 268 -2.82 8.29 12.61
C GLU A 268 -2.51 7.38 11.43
N ASN A 269 -1.35 7.60 10.80
CA ASN A 269 -0.90 6.80 9.67
C ASN A 269 -0.70 5.35 10.13
N HIS A 270 0.01 5.18 11.24
CA HIS A 270 0.26 3.86 11.79
C HIS A 270 -1.04 3.13 12.09
N LYS A 271 -1.97 3.83 12.74
CA LYS A 271 -3.25 3.25 13.11
C LYS A 271 -4.04 2.80 11.89
N PHE A 272 -4.00 3.61 10.83
CA PHE A 272 -4.71 3.26 9.58
C PHE A 272 -4.16 1.98 8.98
N ALA A 273 -2.84 1.91 8.85
CA ALA A 273 -2.21 0.72 8.30
C ALA A 273 -2.47 -0.50 9.18
N ASN A 274 -2.58 -0.28 10.48
CA ASN A 274 -2.79 -1.38 11.43
C ASN A 274 -4.22 -1.86 11.58
N GLU A 275 -5.20 -1.02 11.26
CA GLU A 275 -6.59 -1.37 11.47
C GLU A 275 -7.57 -1.22 10.31
N SER A 276 -7.13 -0.67 9.18
CA SER A 276 -8.03 -0.43 8.06
C SER A 276 -8.33 -1.62 7.17
N GLY A 277 -7.38 -2.55 7.08
CA GLY A 277 -7.58 -3.69 6.21
C GLY A 277 -6.70 -3.53 4.98
N MET A 278 -5.97 -2.43 4.92
CA MET A 278 -5.02 -2.21 3.83
C MET A 278 -3.72 -1.70 4.45
N SER A 279 -2.61 -1.87 3.73
CA SER A 279 -1.33 -1.35 4.20
C SER A 279 -1.13 -0.01 3.49
N LEU A 280 0.06 0.56 3.59
CA LEU A 280 0.31 1.86 2.98
C LEU A 280 1.63 1.96 2.23
N LEU A 281 1.70 2.93 1.32
CA LEU A 281 2.95 3.23 0.64
C LEU A 281 3.80 3.79 1.78
N ASP A 282 5.04 3.31 1.90
CA ASP A 282 5.92 3.71 3.00
C ASP A 282 6.62 5.04 2.78
N PHE A 283 5.90 6.15 2.93
CA PHE A 283 6.52 7.46 2.74
C PHE A 283 7.57 7.75 3.80
N ARG A 284 7.39 7.22 5.01
CA ARG A 284 8.36 7.43 6.08
C ARG A 284 9.71 6.86 5.63
N PHE A 285 9.66 5.66 5.05
CA PHE A 285 10.85 4.97 4.55
C PHE A 285 11.43 5.77 3.38
N ALA A 286 10.58 6.12 2.42
CA ALA A 286 11.02 6.86 1.23
C ALA A 286 11.66 8.20 1.57
N GLN A 287 11.01 8.99 2.41
CA GLN A 287 11.54 10.31 2.77
C GLN A 287 12.88 10.21 3.50
N LYS A 288 13.03 9.22 4.39
CA LYS A 288 14.28 9.06 5.11
C LYS A 288 15.39 8.60 4.16
N VAL A 289 15.06 7.72 3.22
CA VAL A 289 16.03 7.25 2.23
C VAL A 289 16.55 8.43 1.40
N ARG A 290 15.65 9.34 1.02
CA ARG A 290 16.06 10.51 0.25
C ARG A 290 16.95 11.43 1.09
N GLN A 291 16.61 11.58 2.37
CA GLN A 291 17.42 12.42 3.25
C GLN A 291 18.85 11.88 3.37
N VAL A 292 18.95 10.57 3.54
CA VAL A 292 20.23 9.91 3.76
C VAL A 292 21.09 9.69 2.52
N PHE A 293 20.46 9.26 1.43
CA PHE A 293 21.16 8.93 0.19
C PHE A 293 21.14 10.00 -0.90
N ARG A 294 20.12 10.85 -0.88
CA ARG A 294 19.98 11.87 -1.92
C ARG A 294 20.33 13.29 -1.50
N ASP A 295 19.68 13.78 -0.45
CA ASP A 295 19.82 15.16 -0.03
C ASP A 295 20.78 15.47 1.11
N ASN A 296 21.37 14.43 1.70
CA ASN A 296 22.33 14.62 2.78
C ASN A 296 21.79 15.48 3.93
N THR A 297 20.56 15.21 4.36
CA THR A 297 19.97 15.94 5.47
C THR A 297 19.83 15.10 6.74
N ASP A 298 20.29 13.84 6.65
CA ASP A 298 20.32 12.96 7.82
C ASP A 298 21.32 11.85 7.51
N ASN A 299 21.78 11.15 8.55
CA ASN A 299 22.77 10.10 8.36
C ASN A 299 22.22 8.70 8.66
N MET A 300 23.12 7.72 8.72
CA MET A 300 22.70 6.34 8.94
C MET A 300 21.99 6.10 10.27
N TYR A 301 22.26 6.93 11.27
CA TYR A 301 21.59 6.77 12.56
C TYR A 301 20.10 7.05 12.36
N GLY A 302 19.80 7.99 11.46
CA GLY A 302 18.41 8.33 11.18
C GLY A 302 17.77 7.22 10.37
N LEU A 303 18.56 6.57 9.51
CA LEU A 303 18.04 5.47 8.71
C LEU A 303 17.74 4.32 9.67
N LYS A 304 18.67 4.04 10.57
CA LYS A 304 18.48 2.98 11.56
C LYS A 304 17.23 3.25 12.42
N ALA A 305 17.09 4.49 12.89
CA ALA A 305 15.95 4.84 13.72
C ALA A 305 14.63 4.61 12.99
N MET A 306 14.59 4.92 11.69
CA MET A 306 13.39 4.72 10.89
C MET A 306 13.07 3.24 10.78
N LEU A 307 14.09 2.41 10.58
CA LEU A 307 13.91 0.98 10.45
C LEU A 307 13.38 0.35 11.74
N GLU A 308 14.00 0.71 12.86
CA GLU A 308 13.58 0.16 14.15
C GLU A 308 12.23 0.73 14.57
N GLY A 309 12.01 2.01 14.31
CA GLY A 309 10.74 2.63 14.67
C GLY A 309 9.58 2.07 13.88
N SER A 310 9.73 2.01 12.55
CA SER A 310 8.66 1.50 11.71
C SER A 310 8.37 0.02 12.00
N ALA A 311 9.40 -0.74 12.34
CA ALA A 311 9.21 -2.15 12.66
C ALA A 311 8.33 -2.27 13.91
N ALA A 312 8.42 -1.28 14.79
CA ALA A 312 7.63 -1.29 16.00
C ALA A 312 6.24 -0.66 15.80
N ASP A 313 6.16 0.39 14.98
CA ASP A 313 4.91 1.10 14.77
C ASP A 313 3.88 0.42 13.85
N TYR A 314 4.36 -0.29 12.84
CA TYR A 314 3.48 -1.02 11.93
C TYR A 314 3.32 -2.47 12.38
N ALA A 315 2.08 -2.91 12.59
CA ALA A 315 1.83 -4.29 13.02
C ALA A 315 2.35 -5.26 11.95
N GLN A 316 2.16 -4.90 10.69
CA GLN A 316 2.66 -5.70 9.58
C GLN A 316 3.57 -4.82 8.73
N VAL A 317 4.77 -4.54 9.23
CA VAL A 317 5.70 -3.68 8.49
C VAL A 317 6.05 -4.29 7.14
N ASP A 318 5.94 -5.61 7.05
CA ASP A 318 6.28 -6.31 5.82
C ASP A 318 5.28 -6.10 4.69
N ASP A 319 4.17 -5.44 4.99
CA ASP A 319 3.15 -5.13 3.98
C ASP A 319 3.25 -3.71 3.46
N GLN A 320 4.18 -2.93 4.01
CA GLN A 320 4.32 -1.55 3.57
C GLN A 320 5.10 -1.50 2.25
N VAL A 321 4.60 -0.73 1.30
CA VAL A 321 5.23 -0.63 -0.01
C VAL A 321 6.25 0.49 -0.07
N THR A 322 7.51 0.09 -0.12
CA THR A 322 8.63 1.02 -0.14
C THR A 322 8.95 1.57 -1.52
N PHE A 323 9.62 2.72 -1.56
CA PHE A 323 9.99 3.38 -2.80
C PHE A 323 10.97 4.52 -2.51
N ILE A 324 11.62 5.03 -3.54
CA ILE A 324 12.56 6.14 -3.35
C ILE A 324 12.07 7.41 -4.06
N ASP A 325 11.06 7.25 -4.91
CA ASP A 325 10.42 8.38 -5.58
C ASP A 325 9.15 7.90 -6.29
N ASN A 326 8.38 8.84 -6.81
CA ASN A 326 7.15 8.51 -7.52
C ASN A 326 6.71 9.69 -8.39
N HIS A 327 5.51 9.60 -8.93
CA HIS A 327 4.98 10.63 -9.83
C HIS A 327 4.63 11.96 -9.16
N ASP A 328 4.70 12.00 -7.83
CA ASP A 328 4.40 13.22 -7.09
C ASP A 328 5.62 13.80 -6.38
N MET A 329 6.81 13.30 -6.75
CA MET A 329 8.05 13.78 -6.17
C MET A 329 9.06 14.00 -7.27
N GLU A 330 10.07 14.83 -6.99
CA GLU A 330 11.14 15.04 -7.96
C GLU A 330 11.84 13.70 -8.10
N ARG A 331 12.27 13.36 -9.31
CA ARG A 331 12.99 12.11 -9.54
C ARG A 331 14.17 12.01 -8.56
N PHE A 332 14.41 10.82 -8.04
CA PHE A 332 15.49 10.63 -7.08
C PHE A 332 16.84 11.06 -7.67
N HIS A 333 17.11 10.63 -8.90
CA HIS A 333 18.38 10.99 -9.53
C HIS A 333 18.37 12.43 -10.04
N ALA A 334 19.26 13.25 -9.48
CA ALA A 334 19.41 14.63 -9.92
C ALA A 334 20.35 14.60 -11.10
N SER A 335 20.05 15.41 -12.11
CA SER A 335 20.84 15.47 -13.34
C SER A 335 22.35 15.57 -13.11
N ASN A 336 22.77 16.36 -12.14
CA ASN A 336 24.18 16.57 -11.86
C ASN A 336 24.69 15.74 -10.68
N ALA A 337 23.93 14.72 -10.29
CA ALA A 337 24.32 13.90 -9.15
C ALA A 337 25.06 12.63 -9.55
N ASN A 338 25.82 12.08 -8.61
CA ASN A 338 26.55 10.85 -8.83
C ASN A 338 25.51 9.74 -8.87
N ARG A 339 25.55 8.92 -9.93
CA ARG A 339 24.60 7.83 -10.10
C ARG A 339 24.65 6.77 -9.00
N ARG A 340 25.75 6.71 -8.26
CA ARG A 340 25.88 5.70 -7.21
C ARG A 340 24.83 5.93 -6.11
N LYS A 341 24.42 7.18 -5.92
CA LYS A 341 23.43 7.49 -4.90
C LYS A 341 22.12 6.77 -5.20
N LEU A 342 21.69 6.82 -6.46
CA LEU A 342 20.47 6.15 -6.89
C LEU A 342 20.63 4.64 -6.79
N GLU A 343 21.79 4.15 -7.23
CA GLU A 343 22.07 2.72 -7.21
C GLU A 343 22.05 2.13 -5.79
N GLN A 344 22.59 2.87 -4.83
CA GLN A 344 22.59 2.42 -3.44
C GLN A 344 21.18 2.44 -2.86
N ALA A 345 20.46 3.52 -3.12
CA ALA A 345 19.09 3.65 -2.63
C ALA A 345 18.24 2.48 -3.13
N LEU A 346 18.49 2.08 -4.38
CA LEU A 346 17.76 0.96 -4.97
C LEU A 346 18.14 -0.34 -4.29
N ALA A 347 19.43 -0.57 -4.11
CA ALA A 347 19.93 -1.78 -3.47
C ALA A 347 19.40 -1.90 -2.04
N PHE A 348 19.35 -0.77 -1.35
CA PHE A 348 18.85 -0.71 0.02
C PHE A 348 17.36 -1.07 0.03
N THR A 349 16.60 -0.46 -0.86
CA THR A 349 15.17 -0.70 -0.92
C THR A 349 14.84 -2.14 -1.29
N LEU A 350 15.56 -2.68 -2.27
CA LEU A 350 15.31 -4.04 -2.74
C LEU A 350 15.61 -5.13 -1.71
N THR A 351 16.47 -4.81 -0.75
CA THR A 351 16.86 -5.79 0.27
C THR A 351 16.26 -5.50 1.65
N SER A 352 15.46 -4.43 1.75
CA SER A 352 14.84 -4.08 3.02
C SER A 352 13.43 -4.66 3.13
N ARG A 353 12.89 -4.62 4.34
CA ARG A 353 11.56 -5.17 4.62
C ARG A 353 10.45 -4.46 3.84
N GLY A 354 9.33 -5.16 3.66
CA GLY A 354 8.20 -4.58 2.96
C GLY A 354 8.01 -5.11 1.55
N VAL A 355 7.50 -4.25 0.68
CA VAL A 355 7.25 -4.58 -0.72
C VAL A 355 7.84 -3.44 -1.55
N PRO A 356 8.99 -3.67 -2.20
CA PRO A 356 9.66 -2.66 -3.03
C PRO A 356 8.90 -2.28 -4.29
N ALA A 357 8.79 -0.97 -4.55
CA ALA A 357 8.14 -0.47 -5.74
C ALA A 357 9.12 0.48 -6.44
N ILE A 358 9.31 0.27 -7.74
CA ILE A 358 10.23 1.09 -8.52
C ILE A 358 9.46 1.91 -9.56
N TYR A 359 9.62 3.22 -9.51
CA TYR A 359 8.95 4.12 -10.45
C TYR A 359 9.58 3.91 -11.82
N TYR A 360 8.75 3.74 -12.85
CA TYR A 360 9.27 3.46 -14.20
C TYR A 360 10.35 4.46 -14.61
N GLY A 361 11.38 3.96 -15.27
CA GLY A 361 12.45 4.82 -15.74
C GLY A 361 13.56 5.08 -14.75
N THR A 362 13.35 4.70 -13.49
CA THR A 362 14.38 4.87 -12.47
C THR A 362 15.66 4.18 -12.94
N GLU A 363 15.49 2.99 -13.51
CA GLU A 363 16.61 2.19 -13.98
C GLU A 363 17.33 2.80 -15.21
N GLN A 364 16.74 3.85 -15.78
CA GLN A 364 17.36 4.53 -16.91
C GLN A 364 17.93 5.89 -16.47
N TYR A 365 17.99 6.10 -15.15
CA TYR A 365 18.52 7.33 -14.58
C TYR A 365 17.74 8.58 -15.01
N MET A 366 16.43 8.46 -15.11
CA MET A 366 15.61 9.60 -15.47
C MET A 366 15.67 10.66 -14.39
N SER A 367 15.75 11.92 -14.79
CA SER A 367 15.80 13.04 -13.86
C SER A 367 14.62 13.95 -14.17
N GLY A 368 14.17 14.69 -13.18
CA GLY A 368 13.04 15.57 -13.42
C GLY A 368 12.48 16.16 -12.15
N GLY A 369 12.01 17.40 -12.25
CA GLY A 369 11.45 18.07 -11.10
C GLY A 369 10.05 17.59 -10.82
N THR A 370 9.27 18.43 -10.13
CA THR A 370 7.91 18.07 -9.77
C THR A 370 6.99 18.03 -10.98
N ASP A 371 5.83 17.40 -10.77
CA ASP A 371 4.80 17.26 -11.78
C ASP A 371 4.71 18.48 -12.69
N PRO A 372 4.73 18.27 -14.02
CA PRO A 372 4.80 16.99 -14.73
C PRO A 372 6.20 16.56 -15.20
N ASP A 373 7.23 17.30 -14.81
CA ASP A 373 8.58 16.99 -15.27
C ASP A 373 9.13 15.64 -14.82
N ASN A 374 8.47 15.01 -13.86
CA ASN A 374 8.89 13.71 -13.37
C ASN A 374 8.16 12.59 -14.11
N ARG A 375 7.39 12.96 -15.12
CA ARG A 375 6.58 12.00 -15.87
C ARG A 375 6.91 11.96 -17.36
N ALA A 376 8.20 12.06 -17.70
CA ALA A 376 8.60 12.03 -19.10
C ALA A 376 8.48 10.61 -19.64
N ARG A 377 8.48 10.49 -20.97
CA ARG A 377 8.42 9.18 -21.60
C ARG A 377 9.74 8.49 -21.29
N ILE A 378 9.69 7.21 -20.97
CA ILE A 378 10.92 6.49 -20.68
C ILE A 378 11.80 6.62 -21.93
N PRO A 379 13.03 7.12 -21.77
CA PRO A 379 13.97 7.33 -22.88
C PRO A 379 14.68 6.12 -23.50
N SER A 380 14.68 5.00 -22.79
CA SER A 380 15.38 3.82 -23.28
C SER A 380 14.89 2.54 -22.62
N PHE A 381 15.13 1.42 -23.29
CA PHE A 381 14.78 0.11 -22.76
C PHE A 381 16.05 -0.71 -22.71
N SER A 382 17.14 -0.07 -22.28
CA SER A 382 18.43 -0.71 -22.17
C SER A 382 18.53 -1.57 -20.91
N THR A 383 19.11 -2.75 -21.04
CA THR A 383 19.29 -3.65 -19.90
C THR A 383 20.72 -3.49 -19.39
N SER A 384 21.47 -2.58 -20.00
CA SER A 384 22.89 -2.40 -19.67
C SER A 384 23.27 -1.34 -18.63
N THR A 385 22.31 -0.56 -18.14
CA THR A 385 22.62 0.44 -17.14
C THR A 385 23.00 -0.30 -15.86
N THR A 386 23.82 0.32 -15.03
CA THR A 386 24.20 -0.31 -13.77
C THR A 386 22.98 -0.49 -12.88
N ALA A 387 22.06 0.46 -12.92
CA ALA A 387 20.83 0.39 -12.12
C ALA A 387 19.98 -0.81 -12.51
N TYR A 388 19.87 -1.07 -13.81
CA TYR A 388 19.09 -2.20 -14.29
C TYR A 388 19.71 -3.48 -13.75
N GLN A 389 21.03 -3.56 -13.80
CA GLN A 389 21.76 -4.73 -13.32
C GLN A 389 21.62 -4.91 -11.81
N VAL A 390 21.53 -3.80 -11.08
CA VAL A 390 21.37 -3.86 -9.63
C VAL A 390 20.03 -4.53 -9.31
N ILE A 391 18.98 -4.09 -9.99
CA ILE A 391 17.65 -4.66 -9.79
C ILE A 391 17.64 -6.13 -10.21
N GLN A 392 18.24 -6.40 -11.36
CA GLN A 392 18.31 -7.74 -11.90
C GLN A 392 18.97 -8.74 -10.95
N LYS A 393 19.97 -8.27 -10.22
CA LYS A 393 20.68 -9.14 -9.28
C LYS A 393 20.00 -9.27 -7.92
N LEU A 394 19.32 -8.22 -7.49
CA LEU A 394 18.70 -8.24 -6.16
C LEU A 394 17.20 -8.56 -6.10
N ALA A 395 16.44 -8.14 -7.11
CA ALA A 395 15.01 -8.41 -7.09
C ALA A 395 14.68 -9.89 -6.90
N PRO A 396 15.37 -10.79 -7.62
CA PRO A 396 15.12 -12.23 -7.50
C PRO A 396 15.35 -12.80 -6.10
N LEU A 397 16.15 -12.10 -5.30
CA LEU A 397 16.44 -12.55 -3.94
C LEU A 397 15.19 -12.58 -3.07
N ARG A 398 14.22 -11.72 -3.37
CA ARG A 398 13.00 -11.69 -2.58
C ARG A 398 12.22 -13.00 -2.77
N LYS A 399 12.48 -13.69 -3.88
CA LYS A 399 11.83 -14.96 -4.17
C LYS A 399 12.64 -16.12 -3.59
N SER A 400 13.95 -16.09 -3.82
CA SER A 400 14.84 -17.16 -3.38
C SER A 400 15.29 -17.10 -1.91
N ASN A 401 15.28 -15.92 -1.31
CA ASN A 401 15.72 -15.79 0.08
C ASN A 401 14.62 -15.19 0.96
N PRO A 402 13.88 -16.04 1.69
CA PRO A 402 12.79 -15.59 2.56
C PRO A 402 13.20 -14.62 3.67
N ALA A 403 14.51 -14.52 3.95
CA ALA A 403 14.97 -13.57 4.95
C ALA A 403 14.70 -12.15 4.43
N ILE A 404 14.86 -11.98 3.13
CA ILE A 404 14.62 -10.67 2.52
C ILE A 404 13.12 -10.37 2.40
N ALA A 405 12.32 -11.41 2.16
CA ALA A 405 10.88 -11.20 2.03
C ALA A 405 10.15 -11.07 3.36
N TYR A 406 10.56 -11.84 4.36
CA TYR A 406 9.87 -11.85 5.66
C TYR A 406 10.75 -11.62 6.88
N GLY A 407 12.05 -11.46 6.67
CA GLY A 407 12.95 -11.34 7.80
C GLY A 407 12.87 -10.13 8.70
N SER A 408 13.40 -10.30 9.91
CA SER A 408 13.51 -9.22 10.86
C SER A 408 14.65 -8.36 10.31
N THR A 409 14.84 -7.18 10.90
CA THR A 409 15.92 -6.29 10.48
C THR A 409 16.73 -5.91 11.71
N GLN A 410 18.05 -6.10 11.64
CA GLN A 410 18.92 -5.77 12.76
C GLN A 410 20.20 -5.09 12.30
N GLU A 411 20.52 -3.97 12.94
CA GLU A 411 21.75 -3.25 12.62
C GLU A 411 22.92 -4.03 13.22
N ARG A 412 23.92 -4.31 12.38
CA ARG A 412 25.10 -5.06 12.80
C ARG A 412 26.36 -4.20 12.83
N TRP A 413 26.34 -3.06 12.15
CA TRP A 413 27.49 -2.16 12.14
C TRP A 413 26.99 -0.80 11.69
N ILE A 414 27.49 0.28 12.30
CA ILE A 414 27.02 1.60 11.91
C ILE A 414 27.87 2.79 12.36
N ASN A 415 27.94 3.80 11.49
CA ASN A 415 28.56 5.08 11.82
C ASN A 415 27.81 6.10 10.97
N ASN A 416 28.30 7.33 10.84
CA ASN A 416 27.56 8.33 10.07
C ASN A 416 27.21 7.90 8.65
N ASP A 417 28.16 7.29 7.97
CA ASP A 417 28.00 6.92 6.58
C ASP A 417 27.79 5.46 6.26
N VAL A 418 28.03 4.59 7.24
CA VAL A 418 27.90 3.16 7.00
C VAL A 418 26.79 2.50 7.80
N LEU A 419 26.06 1.63 7.14
CA LEU A 419 25.04 0.83 7.80
C LEU A 419 25.15 -0.58 7.26
N ILE A 420 25.35 -1.53 8.17
CA ILE A 420 25.37 -2.92 7.75
C ILE A 420 24.22 -3.53 8.54
N TYR A 421 23.22 -4.05 7.82
CA TYR A 421 22.08 -4.64 8.48
C TYR A 421 21.90 -6.08 8.07
N GLU A 422 21.19 -6.83 8.90
CA GLU A 422 20.95 -8.25 8.66
C GLU A 422 19.46 -8.57 8.64
N ARG A 423 19.08 -9.36 7.65
CA ARG A 423 17.70 -9.84 7.52
C ARG A 423 17.78 -11.30 7.92
N LYS A 424 16.80 -11.78 8.67
CA LYS A 424 16.82 -13.16 9.12
C LYS A 424 15.41 -13.75 9.23
N PHE A 425 15.24 -14.94 8.67
CA PHE A 425 13.97 -15.66 8.70
C PHE A 425 14.26 -17.15 8.61
N GLY A 426 13.97 -17.89 9.69
CA GLY A 426 14.24 -19.31 9.68
C GLY A 426 15.72 -19.56 9.43
N SER A 427 16.04 -20.57 8.61
CA SER A 427 17.42 -20.88 8.29
C SER A 427 17.85 -20.10 7.05
N ASN A 428 17.59 -18.80 7.07
CA ASN A 428 17.94 -17.93 5.95
C ASN A 428 18.45 -16.61 6.48
N VAL A 429 19.50 -16.11 5.86
CA VAL A 429 20.13 -14.86 6.30
C VAL A 429 20.58 -14.03 5.11
N ALA A 430 20.51 -12.71 5.26
CA ALA A 430 21.00 -11.79 4.25
C ALA A 430 21.64 -10.64 5.01
N VAL A 431 22.86 -10.29 4.62
CA VAL A 431 23.58 -9.19 5.26
C VAL A 431 23.91 -8.18 4.17
N VAL A 432 23.57 -6.92 4.42
CA VAL A 432 23.81 -5.87 3.45
C VAL A 432 24.66 -4.76 4.04
N ALA A 433 25.72 -4.41 3.33
CA ALA A 433 26.62 -3.34 3.78
C ALA A 433 26.52 -2.17 2.80
N VAL A 434 26.28 -0.98 3.34
CA VAL A 434 26.17 0.22 2.51
C VAL A 434 27.00 1.36 3.08
N ASN A 435 27.88 1.92 2.25
CA ASN A 435 28.70 3.06 2.63
C ASN A 435 28.32 4.19 1.68
N ARG A 436 27.50 5.12 2.17
CA ARG A 436 27.03 6.22 1.33
C ARG A 436 28.12 7.26 1.00
N ASN A 437 29.18 7.27 1.79
CA ASN A 437 30.25 8.24 1.55
C ASN A 437 30.96 7.90 0.25
N LEU A 438 30.77 8.76 -0.76
CA LEU A 438 31.35 8.56 -2.07
C LEU A 438 32.83 8.88 -2.18
N ASN A 439 33.39 9.49 -1.14
CA ASN A 439 34.81 9.87 -1.19
C ASN A 439 35.66 9.20 -0.13
N ALA A 440 35.04 8.43 0.77
CA ALA A 440 35.81 7.81 1.83
C ALA A 440 35.43 6.38 2.17
N PRO A 441 36.41 5.47 2.08
CA PRO A 441 36.13 4.07 2.42
C PRO A 441 36.00 3.95 3.93
N ALA A 442 35.55 2.79 4.40
CA ALA A 442 35.39 2.55 5.82
C ALA A 442 36.07 1.23 6.17
N SER A 443 36.68 1.19 7.34
CA SER A 443 37.33 -0.02 7.81
C SER A 443 36.32 -0.75 8.69
N ILE A 444 35.87 -1.91 8.25
CA ILE A 444 34.87 -2.66 9.00
C ILE A 444 35.50 -3.78 9.83
N SER A 445 35.59 -3.58 11.13
CA SER A 445 36.11 -4.59 12.04
C SER A 445 35.11 -4.73 13.17
N GLY A 446 34.97 -5.94 13.70
CA GLY A 446 34.02 -6.16 14.78
C GLY A 446 32.63 -6.52 14.28
N LEU A 447 32.46 -6.70 12.98
CA LEU A 447 31.16 -7.07 12.45
C LEU A 447 30.82 -8.51 12.81
N VAL A 448 29.64 -8.71 13.39
CA VAL A 448 29.16 -10.04 13.74
C VAL A 448 27.84 -10.29 13.02
N THR A 449 27.68 -11.49 12.47
CA THR A 449 26.46 -11.83 11.73
C THR A 449 25.95 -13.21 12.12
N SER A 450 24.81 -13.59 11.56
CA SER A 450 24.23 -14.91 11.79
C SER A 450 24.64 -15.85 10.66
N LEU A 451 25.56 -15.40 9.81
CA LEU A 451 26.03 -16.22 8.71
C LEU A 451 26.98 -17.30 9.20
N PRO A 452 26.78 -18.56 8.78
CA PRO A 452 27.67 -19.63 9.22
C PRO A 452 29.10 -19.31 8.75
N GLN A 453 30.09 -19.73 9.52
CA GLN A 453 31.48 -19.46 9.13
C GLN A 453 31.74 -19.96 7.72
N GLY A 454 32.47 -19.16 6.95
CA GLY A 454 32.79 -19.52 5.58
C GLY A 454 33.02 -18.26 4.76
N SER A 455 33.19 -18.41 3.46
CA SER A 455 33.42 -17.27 2.56
C SER A 455 32.15 -16.96 1.77
N TYR A 456 31.82 -15.67 1.65
CA TYR A 456 30.61 -15.25 0.96
C TYR A 456 30.88 -14.22 -0.12
N ASN A 457 30.53 -14.56 -1.36
CA ASN A 457 30.73 -13.64 -2.46
C ASN A 457 29.59 -12.62 -2.51
N ASP A 458 29.93 -11.40 -2.89
CA ASP A 458 28.97 -10.32 -3.03
C ASP A 458 27.98 -10.71 -4.12
N VAL A 459 26.69 -10.73 -3.77
CA VAL A 459 25.65 -11.07 -4.74
C VAL A 459 25.69 -10.10 -5.92
N LEU A 460 26.10 -8.86 -5.65
CA LEU A 460 26.19 -7.84 -6.69
C LEU A 460 27.43 -8.03 -7.56
N GLY A 461 28.25 -9.02 -7.22
CA GLY A 461 29.45 -9.30 -8.00
C GLY A 461 30.42 -8.14 -8.13
N GLY A 462 30.42 -7.25 -7.15
CA GLY A 462 31.32 -6.11 -7.18
C GLY A 462 30.81 -4.97 -8.03
N LEU A 463 29.58 -5.11 -8.55
CA LEU A 463 28.99 -4.07 -9.39
C LEU A 463 29.00 -2.71 -8.72
N LEU A 464 28.73 -2.68 -7.42
CA LEU A 464 28.75 -1.43 -6.67
C LEU A 464 29.93 -1.44 -5.71
N ASN A 465 31.05 -1.97 -6.20
CA ASN A 465 32.30 -2.05 -5.46
C ASN A 465 32.22 -2.86 -4.17
N GLY A 466 31.33 -3.85 -4.15
CA GLY A 466 31.21 -4.72 -3.00
C GLY A 466 32.42 -5.65 -2.93
N ASN A 467 32.53 -6.39 -1.84
CA ASN A 467 33.66 -7.29 -1.65
C ASN A 467 33.21 -8.64 -1.09
N THR A 468 34.11 -9.60 -1.11
CA THR A 468 33.84 -10.92 -0.55
C THR A 468 33.94 -10.80 0.96
N LEU A 469 33.10 -11.53 1.68
CA LEU A 469 33.11 -11.49 3.14
C LEU A 469 33.66 -12.81 3.69
N SER A 470 34.57 -12.71 4.65
CA SER A 470 35.15 -13.89 5.30
C SER A 470 34.60 -13.98 6.71
N VAL A 471 33.78 -14.99 6.97
CA VAL A 471 33.17 -15.16 8.28
C VAL A 471 33.85 -16.27 9.08
N GLY A 472 34.25 -15.94 10.31
CA GLY A 472 34.90 -16.91 11.17
C GLY A 472 33.98 -17.44 12.25
N SER A 473 34.57 -17.97 13.31
CA SER A 473 33.82 -18.55 14.43
C SER A 473 32.77 -17.60 14.98
N GLY A 474 31.60 -18.14 15.30
CA GLY A 474 30.53 -17.34 15.88
C GLY A 474 29.93 -16.29 14.97
N GLY A 475 30.23 -16.35 13.69
CA GLY A 475 29.67 -15.39 12.75
C GLY A 475 30.43 -14.08 12.67
N ALA A 476 31.62 -14.04 13.26
CA ALA A 476 32.45 -12.84 13.26
C ALA A 476 33.22 -12.70 11.95
N ALA A 477 32.99 -11.59 11.25
CA ALA A 477 33.66 -11.34 9.98
C ALA A 477 35.07 -10.80 10.18
N SER A 478 36.00 -11.26 9.36
CA SER A 478 37.37 -10.79 9.40
C SER A 478 37.35 -9.34 8.96
N ASN A 479 38.35 -8.57 9.36
CA ASN A 479 38.40 -7.15 8.98
C ASN A 479 38.38 -7.00 7.47
N PHE A 480 37.66 -6.00 7.00
CA PHE A 480 37.63 -5.72 5.57
C PHE A 480 37.37 -4.24 5.31
N THR A 481 37.71 -3.82 4.10
CA THR A 481 37.53 -2.43 3.69
C THR A 481 36.23 -2.33 2.90
N LEU A 482 35.35 -1.42 3.31
CA LEU A 482 34.12 -1.19 2.56
C LEU A 482 34.44 0.03 1.71
N ALA A 483 34.56 -0.19 0.40
CA ALA A 483 34.94 0.87 -0.52
C ALA A 483 34.03 2.09 -0.47
N ALA A 484 34.56 3.21 -0.95
CA ALA A 484 33.79 4.44 -1.04
C ALA A 484 32.60 4.12 -1.92
N GLY A 485 31.41 4.51 -1.49
CA GLY A 485 30.21 4.22 -2.27
C GLY A 485 29.97 2.72 -2.37
N GLY A 486 30.65 1.96 -1.53
CA GLY A 486 30.52 0.51 -1.57
C GLY A 486 29.17 -0.02 -1.10
N THR A 487 28.70 -1.05 -1.79
CA THR A 487 27.44 -1.69 -1.44
C THR A 487 27.63 -3.17 -1.72
N ALA A 488 27.38 -4.01 -0.72
CA ALA A 488 27.56 -5.44 -0.88
C ALA A 488 26.43 -6.23 -0.22
N VAL A 489 26.13 -7.39 -0.79
CA VAL A 489 25.09 -8.26 -0.25
C VAL A 489 25.62 -9.67 -0.13
N TRP A 490 25.51 -10.24 1.08
CA TRP A 490 25.96 -11.60 1.35
C TRP A 490 24.76 -12.36 1.87
N GLN A 491 24.67 -13.65 1.57
CA GLN A 491 23.50 -14.41 1.99
C GLN A 491 23.76 -15.88 2.27
N TYR A 492 22.79 -16.50 2.93
CA TYR A 492 22.83 -17.90 3.28
C TYR A 492 21.39 -18.40 3.27
N THR A 493 21.14 -19.49 2.57
CA THR A 493 19.80 -20.07 2.53
C THR A 493 19.92 -21.58 2.74
N ALA A 494 18.91 -22.14 3.40
CA ALA A 494 18.86 -23.57 3.64
C ALA A 494 17.43 -23.91 4.06
N ALA A 495 17.07 -25.19 3.96
CA ALA A 495 15.73 -25.62 4.34
C ALA A 495 15.47 -25.34 5.81
N THR A 496 14.28 -24.85 6.12
CA THR A 496 13.88 -24.56 7.50
C THR A 496 13.10 -25.73 8.05
N ALA A 497 13.58 -26.32 9.14
CA ALA A 497 12.96 -27.51 9.72
C ALA A 497 11.70 -27.24 10.56
N THR A 498 11.65 -26.07 11.21
CA THR A 498 10.50 -25.75 12.04
C THR A 498 9.53 -24.78 11.37
N PRO A 499 8.23 -24.95 11.64
CA PRO A 499 7.18 -24.09 11.07
C PRO A 499 7.47 -22.63 11.40
N THR A 500 7.51 -21.79 10.37
CA THR A 500 7.79 -20.39 10.57
C THR A 500 6.89 -19.55 9.66
N ILE A 501 6.05 -18.73 10.26
CA ILE A 501 5.13 -17.88 9.51
C ILE A 501 5.81 -16.56 9.15
N GLY A 502 5.82 -16.25 7.85
CA GLY A 502 6.43 -15.02 7.40
C GLY A 502 5.40 -13.98 6.98
N HIS A 503 4.18 -14.42 6.70
CA HIS A 503 3.16 -13.49 6.24
C HIS A 503 1.77 -14.12 6.27
N VAL A 504 0.76 -13.29 6.49
CA VAL A 504 -0.63 -13.74 6.50
C VAL A 504 -1.45 -12.67 5.76
N GLY A 505 -2.37 -13.11 4.91
CA GLY A 505 -3.20 -12.18 4.18
C GLY A 505 -4.45 -12.83 3.62
N PRO A 506 -5.59 -12.13 3.62
CA PRO A 506 -5.74 -10.76 4.14
C PRO A 506 -5.70 -10.80 5.67
N MET A 507 -5.59 -9.64 6.31
CA MET A 507 -5.53 -9.58 7.77
C MET A 507 -6.84 -9.17 8.42
N MET A 508 -7.91 -9.11 7.61
CA MET A 508 -9.22 -8.72 8.12
C MET A 508 -10.32 -9.28 7.22
N ALA A 509 -11.20 -10.08 7.82
CA ALA A 509 -12.30 -10.67 7.05
C ALA A 509 -13.28 -11.41 7.97
N LYS A 510 -14.44 -11.76 7.41
CA LYS A 510 -15.46 -12.47 8.18
C LYS A 510 -15.21 -13.96 8.11
N PRO A 511 -15.83 -14.75 9.02
CA PRO A 511 -15.65 -16.19 9.01
C PRO A 511 -16.02 -16.80 7.66
N GLY A 512 -15.33 -17.87 7.27
CA GLY A 512 -15.63 -18.51 6.00
C GLY A 512 -14.73 -18.07 4.86
N VAL A 513 -14.12 -16.90 5.01
CA VAL A 513 -13.20 -16.38 3.99
C VAL A 513 -11.88 -17.13 4.11
N THR A 514 -11.25 -17.39 2.97
CA THR A 514 -9.98 -18.10 2.96
C THR A 514 -8.80 -17.14 3.06
N ILE A 515 -7.91 -17.38 4.03
CA ILE A 515 -6.73 -16.56 4.17
C ILE A 515 -5.52 -17.38 3.77
N THR A 516 -4.42 -16.69 3.49
CA THR A 516 -3.19 -17.32 3.05
C THR A 516 -2.09 -17.13 4.07
N ILE A 517 -1.54 -18.23 4.56
CA ILE A 517 -0.46 -18.20 5.53
C ILE A 517 0.80 -18.68 4.82
N ASP A 518 1.78 -17.80 4.70
CA ASP A 518 3.02 -18.10 4.00
C ASP A 518 4.23 -18.13 4.93
N GLY A 519 5.24 -18.91 4.54
CA GLY A 519 6.44 -19.01 5.35
C GLY A 519 7.31 -20.17 4.91
N ARG A 520 7.91 -20.86 5.88
CA ARG A 520 8.75 -22.00 5.60
C ARG A 520 8.62 -23.03 6.71
N GLY A 521 8.90 -24.30 6.38
CA GLY A 521 8.86 -25.35 7.38
C GLY A 521 7.49 -25.86 7.82
N PHE A 522 6.45 -25.59 7.04
CA PHE A 522 5.13 -26.06 7.42
C PHE A 522 4.99 -27.57 7.24
N GLY A 523 5.84 -28.13 6.38
CA GLY A 523 5.75 -29.56 6.12
C GLY A 523 4.76 -29.82 4.99
N SER A 524 4.72 -31.05 4.49
CA SER A 524 3.83 -31.39 3.39
C SER A 524 2.45 -31.88 3.81
N SER A 525 2.34 -32.44 5.01
CA SER A 525 1.05 -32.94 5.51
C SER A 525 0.31 -31.87 6.32
N LYS A 526 -1.01 -31.84 6.18
CA LYS A 526 -1.84 -30.87 6.91
C LYS A 526 -1.55 -30.91 8.40
N GLY A 527 -1.42 -29.73 8.99
CA GLY A 527 -1.20 -29.63 10.42
C GLY A 527 -2.43 -29.00 11.06
N THR A 528 -2.20 -28.02 11.93
CA THR A 528 -3.28 -27.33 12.61
C THR A 528 -3.05 -25.82 12.51
N VAL A 529 -4.13 -25.06 12.38
CA VAL A 529 -4.04 -23.60 12.33
C VAL A 529 -4.78 -23.06 13.54
N TYR A 530 -4.19 -22.09 14.23
CA TYR A 530 -4.83 -21.52 15.41
C TYR A 530 -5.20 -20.05 15.25
N PHE A 531 -6.43 -19.73 15.62
CA PHE A 531 -6.91 -18.35 15.64
C PHE A 531 -7.11 -18.13 17.13
N GLY A 532 -6.12 -17.50 17.77
CA GLY A 532 -6.19 -17.36 19.22
C GLY A 532 -6.05 -18.76 19.76
N THR A 533 -6.94 -19.16 20.66
CA THR A 533 -6.87 -20.50 21.23
C THR A 533 -7.64 -21.53 20.39
N THR A 534 -8.44 -21.05 19.44
CA THR A 534 -9.23 -21.94 18.60
C THR A 534 -8.39 -22.69 17.55
N ALA A 535 -8.57 -24.00 17.51
CA ALA A 535 -7.84 -24.84 16.57
C ALA A 535 -8.66 -25.17 15.34
N VAL A 536 -8.02 -25.10 14.19
CA VAL A 536 -8.65 -25.41 12.91
C VAL A 536 -7.80 -26.46 12.22
N SER A 537 -8.43 -27.55 11.80
CA SER A 537 -7.72 -28.62 11.09
C SER A 537 -8.68 -29.35 10.17
N GLY A 538 -8.15 -30.24 9.34
CA GLY A 538 -9.00 -31.00 8.45
C GLY A 538 -9.52 -30.25 7.23
N ALA A 539 -10.79 -30.48 6.92
CA ALA A 539 -11.43 -29.91 5.72
C ALA A 539 -11.31 -28.39 5.52
N ASP A 540 -11.45 -27.62 6.60
CA ASP A 540 -11.35 -26.16 6.47
C ASP A 540 -9.96 -25.67 6.09
N ILE A 541 -8.97 -26.55 6.19
CA ILE A 541 -7.64 -26.21 5.71
C ILE A 541 -7.69 -26.72 4.26
N THR A 542 -8.05 -25.81 3.35
CA THR A 542 -8.21 -26.15 1.94
C THR A 542 -6.97 -26.82 1.34
N SER A 543 -5.80 -26.25 1.60
CA SER A 543 -4.56 -26.81 1.09
C SER A 543 -3.41 -26.48 2.03
N TRP A 544 -2.39 -27.32 2.01
CA TRP A 544 -1.25 -27.16 2.89
C TRP A 544 0.03 -27.71 2.26
N GLU A 545 1.06 -26.86 2.20
CA GLU A 545 2.37 -27.29 1.73
C GLU A 545 3.42 -26.50 2.49
N ASP A 546 4.69 -26.87 2.34
CA ASP A 546 5.76 -26.27 3.13
C ASP A 546 5.82 -24.75 3.24
N THR A 547 5.48 -24.03 2.19
CA THR A 547 5.57 -22.57 2.22
C THR A 547 4.23 -21.84 2.19
N GLN A 548 3.14 -22.58 1.99
CA GLN A 548 1.84 -21.94 1.92
C GLN A 548 0.67 -22.78 2.41
N ILE A 549 -0.19 -22.15 3.19
CA ILE A 549 -1.40 -22.78 3.73
C ILE A 549 -2.60 -21.93 3.35
N LYS A 550 -3.68 -22.58 2.91
CA LYS A 550 -4.93 -21.89 2.59
C LYS A 550 -5.92 -22.42 3.61
N VAL A 551 -6.50 -21.55 4.41
CA VAL A 551 -7.42 -21.99 5.45
C VAL A 551 -8.60 -21.03 5.64
N LYS A 552 -9.78 -21.60 5.86
CA LYS A 552 -10.98 -20.82 6.08
C LYS A 552 -11.04 -20.30 7.51
N ILE A 553 -11.40 -19.03 7.67
CA ILE A 553 -11.53 -18.42 8.99
C ILE A 553 -12.69 -19.10 9.73
N PRO A 554 -12.45 -19.56 10.97
CA PRO A 554 -13.49 -20.21 11.76
C PRO A 554 -14.57 -19.23 12.24
N ALA A 555 -15.75 -19.77 12.54
CA ALA A 555 -16.86 -18.93 13.00
C ALA A 555 -16.69 -18.53 14.45
N VAL A 556 -15.60 -17.83 14.75
CA VAL A 556 -15.37 -17.35 16.10
C VAL A 556 -15.95 -15.93 16.19
N ALA A 557 -16.14 -15.45 17.41
CA ALA A 557 -16.68 -14.11 17.64
C ALA A 557 -15.74 -13.07 17.02
N GLY A 558 -16.31 -11.97 16.56
CA GLY A 558 -15.51 -10.91 15.98
C GLY A 558 -14.48 -10.44 16.99
N GLY A 559 -13.28 -10.11 16.52
CA GLY A 559 -12.23 -9.66 17.42
C GLY A 559 -10.86 -9.80 16.83
N ASN A 560 -9.84 -9.49 17.63
CA ASN A 560 -8.46 -9.56 17.19
C ASN A 560 -7.84 -10.87 17.67
N TYR A 561 -7.24 -11.63 16.76
CA TYR A 561 -6.65 -12.93 17.09
C TYR A 561 -5.21 -13.10 16.61
N ASN A 562 -4.43 -13.89 17.37
CA ASN A 562 -3.06 -14.19 16.97
C ASN A 562 -3.09 -15.48 16.14
N ILE A 563 -2.37 -15.48 15.03
CA ILE A 563 -2.31 -16.65 14.16
C ILE A 563 -1.05 -17.46 14.43
N LYS A 564 -1.21 -18.78 14.49
CA LYS A 564 -0.11 -19.69 14.73
C LYS A 564 -0.49 -21.00 14.04
N VAL A 565 0.51 -21.77 13.61
CA VAL A 565 0.25 -23.06 13.00
C VAL A 565 1.13 -24.10 13.67
N ALA A 566 0.81 -25.36 13.48
CA ALA A 566 1.61 -26.46 14.01
C ALA A 566 1.66 -27.50 12.90
N ASN A 567 2.84 -28.07 12.64
CA ASN A 567 2.94 -29.08 11.61
C ASN A 567 2.23 -30.36 12.05
N ALA A 568 2.22 -31.37 11.19
CA ALA A 568 1.56 -32.64 11.47
C ALA A 568 2.09 -33.29 12.75
N ALA A 569 3.37 -33.08 13.04
CA ALA A 569 4.01 -33.65 14.21
C ALA A 569 3.59 -32.93 15.49
N GLY A 570 3.03 -31.73 15.35
CA GLY A 570 2.59 -30.99 16.52
C GLY A 570 3.49 -29.84 16.96
N THR A 571 4.55 -29.56 16.18
CA THR A 571 5.46 -28.48 16.53
C THR A 571 4.85 -27.13 16.14
N ALA A 572 4.78 -26.22 17.11
CA ALA A 572 4.19 -24.90 16.89
C ALA A 572 5.14 -23.90 16.27
N SER A 573 4.58 -22.97 15.49
CA SER A 573 5.35 -21.92 14.83
C SER A 573 5.35 -20.67 15.68
N ASN A 574 5.96 -19.62 15.16
CA ASN A 574 5.96 -18.32 15.80
C ASN A 574 4.55 -17.76 15.64
N VAL A 575 4.21 -16.74 16.41
CA VAL A 575 2.89 -16.14 16.34
C VAL A 575 2.85 -14.91 15.44
N TYR A 576 1.85 -14.85 14.57
CA TYR A 576 1.65 -13.71 13.68
C TYR A 576 0.39 -13.06 14.24
N ASP A 577 0.55 -11.91 14.87
CA ASP A 577 -0.56 -11.27 15.55
C ASP A 577 -1.40 -10.30 14.72
N ASN A 578 -2.39 -9.73 15.39
CA ASN A 578 -3.24 -8.70 14.83
C ASN A 578 -4.21 -9.08 13.71
N PHE A 579 -4.64 -10.33 13.67
CA PHE A 579 -5.60 -10.72 12.64
C PHE A 579 -6.99 -10.35 13.15
N GLU A 580 -7.76 -9.64 12.34
CA GLU A 580 -9.10 -9.26 12.77
C GLU A 580 -10.20 -10.07 12.10
N VAL A 581 -10.97 -10.78 12.91
CA VAL A 581 -12.10 -11.54 12.43
C VAL A 581 -13.29 -10.57 12.52
N LEU A 582 -13.92 -10.31 11.38
CA LEU A 582 -15.07 -9.41 11.37
C LEU A 582 -16.31 -10.13 11.90
N SER A 583 -17.31 -9.38 12.32
CA SER A 583 -18.54 -9.97 12.85
C SER A 583 -19.49 -10.36 11.73
N GLY A 584 -19.12 -10.01 10.49
CA GLY A 584 -19.94 -10.33 9.34
C GLY A 584 -19.67 -9.33 8.22
N ASP A 585 -20.55 -9.28 7.23
CA ASP A 585 -20.38 -8.30 6.14
C ASP A 585 -20.46 -6.92 6.79
N GLN A 586 -19.79 -5.95 6.19
CA GLN A 586 -19.73 -4.60 6.74
C GLN A 586 -20.48 -3.51 5.96
N VAL A 587 -21.03 -2.55 6.69
CA VAL A 587 -21.65 -1.37 6.10
C VAL A 587 -21.07 -0.15 6.81
N SER A 588 -20.99 0.96 6.10
CA SER A 588 -20.45 2.20 6.66
C SER A 588 -21.59 3.05 7.25
N VAL A 589 -21.51 3.29 8.55
CA VAL A 589 -22.54 4.06 9.23
C VAL A 589 -21.96 5.29 9.91
N ARG A 590 -22.63 6.43 9.73
CA ARG A 590 -22.18 7.67 10.37
C ARG A 590 -22.88 7.82 11.72
N PHE A 591 -22.08 7.98 12.76
CA PHE A 591 -22.61 8.21 14.10
C PHE A 591 -22.49 9.69 14.41
N VAL A 592 -23.56 10.26 14.96
CA VAL A 592 -23.56 11.66 15.32
C VAL A 592 -24.06 11.79 16.76
N VAL A 593 -23.31 12.49 17.59
CA VAL A 593 -23.70 12.70 18.98
C VAL A 593 -23.77 14.20 19.23
N ASN A 594 -24.92 14.66 19.73
CA ASN A 594 -25.12 16.09 19.97
C ASN A 594 -24.81 16.56 21.38
N ASN A 595 -24.33 17.81 21.45
CA ASN A 595 -24.00 18.46 22.70
C ASN A 595 -23.11 17.64 23.63
N ALA A 596 -21.93 17.29 23.12
CA ALA A 596 -20.94 16.55 23.90
C ALA A 596 -19.80 17.53 24.13
N THR A 597 -19.90 18.30 25.22
CA THR A 597 -18.89 19.31 25.54
C THR A 597 -17.63 18.68 26.10
N THR A 598 -16.49 19.28 25.77
CA THR A 598 -15.20 18.78 26.21
C THR A 598 -14.26 19.94 26.52
N ALA A 599 -13.13 19.62 27.13
CA ALA A 599 -12.09 20.60 27.42
C ALA A 599 -11.02 20.33 26.36
N LEU A 600 -10.19 21.34 26.07
CA LEU A 600 -9.13 21.19 25.08
C LEU A 600 -8.26 19.98 25.37
N GLY A 601 -8.05 19.14 24.36
CA GLY A 601 -7.24 17.95 24.55
C GLY A 601 -8.11 16.73 24.79
N GLN A 602 -9.36 16.97 25.12
CA GLN A 602 -10.32 15.90 25.37
C GLN A 602 -11.15 15.68 24.11
N ASN A 603 -11.36 14.42 23.74
CA ASN A 603 -12.12 14.10 22.53
C ASN A 603 -13.19 13.03 22.76
N VAL A 604 -14.23 13.08 21.93
CA VAL A 604 -15.32 12.11 22.03
C VAL A 604 -15.01 10.88 21.19
N TYR A 605 -15.35 9.70 21.73
CA TYR A 605 -15.12 8.43 21.05
C TYR A 605 -16.41 7.61 21.11
N LEU A 606 -16.45 6.55 20.30
CA LEU A 606 -17.60 5.66 20.22
C LEU A 606 -17.22 4.25 20.68
N THR A 607 -18.06 3.65 21.51
CA THR A 607 -17.82 2.28 21.99
C THR A 607 -19.15 1.52 21.89
N GLY A 608 -19.08 0.19 21.81
CA GLY A 608 -20.31 -0.57 21.66
C GLY A 608 -20.21 -2.08 21.82
N SER A 609 -21.33 -2.75 21.59
CA SER A 609 -21.48 -4.18 21.79
C SER A 609 -20.97 -5.15 20.71
N VAL A 610 -20.15 -4.67 19.78
CA VAL A 610 -19.56 -5.54 18.76
C VAL A 610 -18.07 -5.21 18.66
N SER A 611 -17.28 -6.17 18.20
CA SER A 611 -15.84 -5.96 18.08
C SER A 611 -15.54 -4.74 17.20
N GLU A 612 -16.37 -4.50 16.19
CA GLU A 612 -16.17 -3.36 15.31
C GLU A 612 -16.17 -2.05 16.10
N LEU A 613 -16.78 -2.08 17.29
CA LEU A 613 -16.82 -0.90 18.15
C LEU A 613 -15.98 -1.10 19.41
N GLY A 614 -15.16 -2.16 19.41
CA GLY A 614 -14.28 -2.41 20.54
C GLY A 614 -14.86 -3.18 21.71
N ASN A 615 -16.07 -3.72 21.55
CA ASN A 615 -16.73 -4.47 22.61
C ASN A 615 -16.65 -3.83 23.99
N TRP A 616 -17.01 -2.56 24.06
CA TRP A 616 -17.04 -1.80 25.31
C TRP A 616 -15.69 -1.49 25.95
N ASP A 617 -14.59 -1.82 25.26
CA ASP A 617 -13.26 -1.55 25.79
C ASP A 617 -12.82 -0.16 25.32
N PRO A 618 -12.76 0.81 26.25
CA PRO A 618 -12.35 2.19 25.92
C PRO A 618 -11.04 2.28 25.16
N ALA A 619 -10.12 1.36 25.46
CA ALA A 619 -8.83 1.34 24.79
C ALA A 619 -9.01 1.03 23.30
N LYS A 620 -10.16 0.47 22.95
CA LYS A 620 -10.44 0.13 21.57
C LYS A 620 -11.61 0.93 20.98
N ALA A 621 -11.94 2.05 21.62
CA ALA A 621 -13.05 2.88 21.16
C ALA A 621 -12.74 3.54 19.82
N ILE A 622 -13.78 3.81 19.04
CA ILE A 622 -13.63 4.45 17.73
C ILE A 622 -13.46 5.97 17.88
N GLY A 623 -12.43 6.51 17.23
CA GLY A 623 -12.20 7.94 17.32
C GLY A 623 -10.71 8.29 17.34
N PRO A 624 -10.36 9.53 17.70
CA PRO A 624 -11.25 10.63 18.09
C PRO A 624 -12.23 11.05 17.00
N MET A 625 -13.47 11.33 17.38
CA MET A 625 -14.49 11.73 16.43
C MET A 625 -14.23 13.15 15.92
N TYR A 626 -14.95 13.54 14.87
CA TYR A 626 -14.77 14.85 14.26
C TYR A 626 -15.84 15.85 14.71
N ASN A 627 -15.55 17.14 14.57
CA ASN A 627 -16.48 18.17 15.01
C ASN A 627 -16.28 19.51 14.32
N GLN A 628 -15.80 19.49 13.08
CA GLN A 628 -15.55 20.72 12.34
C GLN A 628 -16.34 20.91 11.05
N VAL A 629 -16.18 19.97 10.11
CA VAL A 629 -16.80 20.10 8.80
C VAL A 629 -18.28 19.75 8.63
N VAL A 630 -18.61 18.47 8.67
CA VAL A 630 -20.00 18.07 8.46
C VAL A 630 -20.89 18.51 9.63
N TYR A 631 -20.37 18.41 10.85
CA TYR A 631 -21.08 18.87 12.03
C TYR A 631 -20.09 19.70 12.84
N GLN A 632 -20.60 20.62 13.64
CA GLN A 632 -19.74 21.48 14.44
C GLN A 632 -19.88 21.27 15.94
N TYR A 633 -18.75 21.33 16.64
CA TYR A 633 -18.76 21.20 18.09
C TYR A 633 -19.82 22.17 18.62
N PRO A 634 -20.52 21.81 19.72
CA PRO A 634 -20.43 20.60 20.54
C PRO A 634 -20.98 19.30 19.95
N ASN A 635 -21.24 19.29 18.64
CA ASN A 635 -21.72 18.06 18.01
C ASN A 635 -20.51 17.37 17.37
N TRP A 636 -20.48 16.04 17.45
CA TRP A 636 -19.38 15.26 16.90
C TRP A 636 -19.91 14.19 15.95
N TYR A 637 -19.09 13.77 14.99
CA TYR A 637 -19.51 12.74 14.04
C TYR A 637 -18.33 11.88 13.59
N TYR A 638 -18.63 10.68 13.11
CA TYR A 638 -17.59 9.78 12.62
C TYR A 638 -18.22 8.66 11.81
N ASP A 639 -17.53 8.25 10.75
CA ASP A 639 -18.02 7.18 9.89
C ASP A 639 -17.35 5.87 10.32
N VAL A 640 -18.17 4.86 10.57
CA VAL A 640 -17.68 3.60 11.11
C VAL A 640 -18.15 2.35 10.38
N SER A 641 -17.22 1.41 10.21
CA SER A 641 -17.55 0.13 9.58
C SER A 641 -18.18 -0.76 10.66
N VAL A 642 -19.43 -1.15 10.45
CA VAL A 642 -20.13 -2.01 11.39
C VAL A 642 -20.78 -3.20 10.68
N PRO A 643 -21.05 -4.28 11.42
CA PRO A 643 -21.67 -5.47 10.83
C PRO A 643 -23.09 -5.21 10.33
N ALA A 644 -23.31 -5.53 9.06
CA ALA A 644 -24.59 -5.32 8.40
C ALA A 644 -25.77 -6.02 9.06
N GLY A 645 -26.89 -5.31 9.16
CA GLY A 645 -28.12 -5.87 9.71
C GLY A 645 -28.08 -6.28 11.17
N LYS A 646 -27.05 -5.86 11.88
CA LYS A 646 -26.92 -6.24 13.28
C LYS A 646 -27.47 -5.18 14.23
N THR A 647 -28.11 -5.62 15.30
CA THR A 647 -28.62 -4.71 16.32
C THR A 647 -27.46 -4.46 17.26
N ILE A 648 -27.11 -3.18 17.41
CA ILE A 648 -25.95 -2.80 18.21
C ILE A 648 -26.27 -1.78 19.28
N GLU A 649 -25.77 -2.00 20.48
CA GLU A 649 -25.94 -1.04 21.57
C GLU A 649 -24.62 -0.28 21.63
N PHE A 650 -24.70 1.02 21.92
CA PHE A 650 -23.50 1.82 21.96
C PHE A 650 -23.62 3.02 22.89
N LYS A 651 -22.46 3.59 23.20
CA LYS A 651 -22.38 4.78 24.03
C LYS A 651 -21.19 5.59 23.58
N PHE A 652 -21.18 6.86 23.92
CA PHE A 652 -20.07 7.72 23.57
C PHE A 652 -19.22 7.95 24.81
N LEU A 653 -17.96 8.28 24.58
CA LEU A 653 -17.00 8.51 25.66
C LEU A 653 -16.27 9.81 25.41
N LYS A 654 -15.76 10.40 26.49
CA LYS A 654 -14.92 11.58 26.40
C LYS A 654 -13.60 11.09 26.97
N LYS A 655 -12.55 11.12 26.16
CA LYS A 655 -11.25 10.63 26.58
C LYS A 655 -10.13 11.63 26.46
N GLN A 656 -9.20 11.56 27.41
CA GLN A 656 -7.99 12.37 27.41
C GLN A 656 -6.94 11.35 27.82
N GLY A 657 -6.06 11.00 26.90
CA GLY A 657 -5.10 9.95 27.20
C GLY A 657 -5.97 8.71 27.41
N SER A 658 -5.68 7.91 28.43
CA SER A 658 -6.48 6.72 28.68
C SER A 658 -7.57 6.96 29.73
N THR A 659 -7.73 8.21 30.17
CA THR A 659 -8.77 8.55 31.13
C THR A 659 -10.08 8.69 30.35
N VAL A 660 -11.12 8.04 30.82
CA VAL A 660 -12.40 8.04 30.12
C VAL A 660 -13.62 8.39 30.97
N THR A 661 -14.51 9.18 30.36
CA THR A 661 -15.77 9.57 31.00
C THR A 661 -16.88 8.96 30.16
N TRP A 662 -17.73 8.16 30.79
CA TRP A 662 -18.82 7.49 30.08
C TRP A 662 -20.12 8.28 30.04
N GLU A 663 -20.88 8.07 28.96
CA GLU A 663 -22.20 8.66 28.84
C GLU A 663 -22.99 8.04 29.98
N GLY A 664 -23.97 8.77 30.51
CA GLY A 664 -24.79 8.22 31.56
C GLY A 664 -25.99 7.54 30.95
N GLY A 665 -26.92 7.08 31.79
CA GLY A 665 -28.12 6.43 31.29
C GLY A 665 -27.93 5.07 30.65
N SER A 666 -28.93 4.63 29.90
CA SER A 666 -28.90 3.35 29.23
C SER A 666 -28.19 3.46 27.89
N ASN A 667 -27.74 2.33 27.35
CA ASN A 667 -27.06 2.33 26.07
C ASN A 667 -28.00 2.77 24.97
N HIS A 668 -27.44 3.41 23.95
CA HIS A 668 -28.18 3.80 22.78
C HIS A 668 -28.28 2.50 22.00
N THR A 669 -29.22 2.40 21.07
CA THR A 669 -29.33 1.18 20.28
C THR A 669 -29.82 1.49 18.88
N PHE A 670 -29.45 0.63 17.93
CA PHE A 670 -29.88 0.80 16.55
C PHE A 670 -29.57 -0.48 15.80
N THR A 671 -30.13 -0.61 14.60
CA THR A 671 -29.86 -1.78 13.78
C THR A 671 -29.25 -1.32 12.48
N ALA A 672 -28.03 -1.79 12.21
CA ALA A 672 -27.31 -1.42 11.02
C ALA A 672 -28.06 -1.87 9.77
N PRO A 673 -27.94 -1.10 8.68
CA PRO A 673 -28.62 -1.46 7.43
C PRO A 673 -28.02 -2.73 6.84
N SER A 674 -28.78 -3.43 6.00
CA SER A 674 -28.32 -4.66 5.38
C SER A 674 -27.32 -4.36 4.25
N SER A 675 -27.46 -3.18 3.66
CA SER A 675 -26.56 -2.73 2.61
C SER A 675 -26.66 -1.21 2.53
N GLY A 676 -25.69 -0.59 1.88
CA GLY A 676 -25.72 0.86 1.78
C GLY A 676 -25.33 1.50 3.11
N THR A 677 -25.63 2.79 3.26
CA THR A 677 -25.25 3.51 4.46
C THR A 677 -26.42 3.92 5.35
N ALA A 678 -26.09 4.57 6.45
CA ALA A 678 -27.09 5.05 7.39
C ALA A 678 -26.45 6.09 8.30
N THR A 679 -27.27 6.94 8.90
CA THR A 679 -26.80 7.95 9.83
C THR A 679 -27.59 7.82 11.12
N ILE A 680 -26.90 7.60 12.22
CA ILE A 680 -27.52 7.48 13.54
C ILE A 680 -27.19 8.75 14.31
N ASN A 681 -28.21 9.53 14.66
CA ASN A 681 -28.00 10.78 15.36
C ASN A 681 -28.67 10.75 16.73
N VAL A 682 -27.87 10.91 17.79
CA VAL A 682 -28.39 10.89 19.15
C VAL A 682 -27.78 12.01 19.99
N ASN A 683 -28.30 12.19 21.18
CA ASN A 683 -27.79 13.22 22.09
C ASN A 683 -26.94 12.60 23.18
N TRP A 684 -25.89 13.30 23.57
CA TRP A 684 -25.03 12.83 24.65
C TRP A 684 -25.84 12.77 25.93
N GLN A 685 -25.79 11.64 26.61
CA GLN A 685 -26.53 11.45 27.86
C GLN A 685 -25.63 11.68 29.07
N PRO A 686 -25.93 12.71 29.87
CA PRO A 686 -25.13 13.00 31.07
C PRO A 686 -25.23 11.88 32.09
C1 GLC B . 2.11 17.73 1.85
C2 GLC B . 0.75 17.22 2.36
C3 GLC B . 0.23 16.09 1.47
C4 GLC B . 0.19 16.57 0.02
C5 GLC B . 1.60 17.03 -0.38
C6 GLC B . 1.67 17.53 -1.82
O1 GLC B . 3.06 16.72 1.97
O2 GLC B . 0.88 16.76 3.70
O3 GLC B . -1.07 15.71 1.89
O4 GLC B . -0.25 15.51 -0.84
O5 GLC B . 2.03 18.11 0.47
O6 GLC B . 1.81 16.45 -2.73
C1 GLC B . -1.50 15.73 -1.44
C2 GLC B . -2.41 14.52 -1.20
C3 GLC B . -1.97 13.32 -2.05
C4 GLC B . -1.78 13.72 -3.51
C5 GLC B . -0.86 14.92 -3.62
C6 GLC B . -0.67 15.44 -5.03
O2 GLC B . -2.38 14.17 0.17
O3 GLC B . -2.95 12.29 -1.95
O4 GLC B . -1.22 12.64 -4.25
O5 GLC B . -1.39 16.01 -2.84
O6 GLC B . -1.88 15.38 -5.77
C1 GLC C . -2.91 11.33 -5.65
C2 GLC C . -2.04 10.93 -6.84
C3 GLC C . -1.86 12.19 -7.69
C4 GLC C . -3.23 12.70 -8.13
C5 GLC C . -4.19 12.89 -6.94
C6 GLC C . -5.62 13.12 -7.39
O1 GLC C . -3.02 10.29 -4.77
O2 GLC C . -0.79 10.45 -6.39
O3 GLC C . -1.05 11.91 -8.83
O4 GLC C . -3.06 13.97 -8.77
O5 GLC C . -4.21 11.70 -6.11
O6 GLC C . -6.10 12.02 -8.14
C1 GLC C . -3.74 14.12 -9.97
C2 GLC C . -2.74 14.44 -11.08
C3 GLC C . -2.11 15.81 -10.82
C4 GLC C . -3.19 16.88 -10.65
C5 GLC C . -4.23 16.46 -9.59
C6 GLC C . -5.42 17.39 -9.52
O2 GLC C . -1.74 13.43 -11.11
O3 GLC C . -1.26 16.13 -11.92
O4 GLC C . -2.60 18.11 -10.25
O5 GLC C . -4.74 15.14 -9.90
O6 GLC C . -6.20 17.31 -10.70
C1 GLC D . -21.31 2.85 38.70
C2 GLC D . -21.56 4.15 37.93
C3 GLC D . -21.84 3.84 36.46
C4 GLC D . -20.73 2.98 35.86
C5 GLC D . -20.52 1.73 36.73
C6 GLC D . -19.36 0.87 36.27
O1 GLC D . -20.94 3.14 40.00
O2 GLC D . -22.69 4.82 38.50
O3 GLC D . -21.93 5.06 35.73
O4 GLC D . -21.10 2.58 34.53
O5 GLC D . -20.23 2.13 38.09
O6 GLC D . -19.24 -0.29 37.09
C1 GLC D . -20.35 3.17 33.50
C2 GLC D . -21.26 3.50 32.31
C3 GLC D . -21.76 2.20 31.67
C4 GLC D . -20.59 1.30 31.29
C5 GLC D . -19.67 1.08 32.50
C6 GLC D . -18.41 0.33 32.16
O2 GLC D . -22.37 4.27 32.76
O3 GLC D . -22.52 2.51 30.50
O4 GLC D . -21.08 0.03 30.83
O5 GLC D . -19.28 2.35 33.07
O6 GLC D . -17.68 -0.01 33.32
C1 GLC D . -20.81 -0.26 29.49
C2 GLC D . -22.11 -0.63 28.76
C3 GLC D . -22.64 -1.98 29.25
C4 GLC D . -21.54 -3.04 29.11
C5 GLC D . -20.29 -2.59 29.86
C6 GLC D . -19.13 -3.56 29.72
O2 GLC D . -23.08 0.38 29.00
O3 GLC D . -23.77 -2.36 28.49
O4 GLC D . -22.00 -4.28 29.63
O5 GLC D . -19.84 -1.32 29.36
O6 GLC D . -18.07 -3.23 30.61
C1 GLC E . -11.27 28.62 22.91
C2 GLC E . -11.65 27.92 24.22
C3 GLC E . -11.74 26.42 23.99
C4 GLC E . -12.70 26.11 22.84
C5 GLC E . -12.30 26.90 21.59
C6 GLC E . -13.28 26.74 20.45
O1 GLC E . -11.26 30.00 23.09
O2 GLC E . -10.66 28.20 25.21
O3 GLC E . -12.19 25.77 25.17
O4 GLC E . -12.63 24.70 22.54
O5 GLC E . -12.24 28.32 21.90
O6 GLC E . -12.61 26.75 19.19
C1 GLC E . -13.84 24.02 22.44
C2 GLC E . -13.80 22.78 23.32
C3 GLC E . -12.69 21.86 22.82
C4 GLC E . -12.86 21.53 21.34
C5 GLC E . -13.09 22.79 20.49
C6 GLC E . -13.54 22.47 19.09
O2 GLC E . -13.55 23.15 24.67
O3 GLC E . -12.67 20.66 23.58
O4 GLC E . -11.67 20.86 20.87
O5 GLC E . -14.11 23.63 21.09
O6 GLC E . -13.36 23.58 18.22
C1 GLC E . -11.81 19.51 20.57
C2 GLC E . -10.70 18.71 21.26
C3 GLC E . -9.35 19.11 20.67
C4 GLC E . -9.37 18.87 19.16
C5 GLC E . -10.54 19.62 18.52
C6 GLC E . -10.70 19.29 17.04
O2 GLC E . -10.71 18.98 22.66
O3 GLC E . -8.32 18.34 21.27
O4 GLC E . -8.15 19.32 18.58
O5 GLC E . -11.79 19.26 19.17
O6 GLC E . -11.59 20.19 16.40
C1 GLC F . 32.44 0.48 15.41
C2 GLC F . 31.05 0.58 14.78
C3 GLC F . 30.06 -0.19 15.64
C4 GLC F . 30.51 -1.64 15.75
C5 GLC F . 31.91 -1.72 16.39
C6 GLC F . 32.38 -3.16 16.46
O1 GLC F . 32.44 1.14 16.64
O2 GLC F . 30.67 1.96 14.67
O3 GLC F . 28.77 -0.11 15.04
O4 GLC F . 29.60 -2.40 16.59
O5 GLC F . 32.79 -0.93 15.54
O6 GLC F . 33.68 -3.24 17.04
C1 GLC F . 28.80 -3.42 16.03
C2 GLC F . 27.35 -3.24 16.48
C3 GLC F . 27.25 -3.41 17.98
C4 GLC F . 27.77 -4.79 18.35
C5 GLC F . 29.23 -4.94 17.87
C6 GLC F . 29.81 -6.25 18.16
O2 GLC F . 26.85 -1.95 16.14
O3 GLC F . 25.89 -3.25 18.41
O4 GLC F . 27.79 -4.99 19.76
O5 GLC F . 29.32 -4.72 16.43
O6 GLC F . 31.16 -6.34 17.69
C1 GLC G . 13.11 17.01 -2.27
C2 GLC G . 13.33 15.89 -1.24
C3 GLC G . 11.99 15.38 -0.71
C4 GLC G . 11.19 16.55 -0.15
C5 GLC G . 11.02 17.62 -1.24
C6 GLC G . 10.27 18.84 -0.74
O1 GLC G . 12.45 16.52 -3.38
O2 GLC G . 14.05 14.82 -1.84
O3 GLC G . 12.20 14.42 0.29
O4 GLC G . 9.92 16.10 0.29
O5 GLC G . 12.32 18.07 -1.70
O6 GLC G . 10.93 19.43 0.37
C1 MPD H . -24.32 -8.91 0.87
C2 MPD H . -24.37 -7.58 0.12
O2 MPD H . -23.23 -7.75 -0.84
CM MPD H . -25.42 -7.20 -0.90
C3 MPD H . -24.10 -6.37 1.09
C4 MPD H . -23.10 -6.55 2.14
O4 MPD H . -21.90 -6.83 1.42
C5 MPD H . -22.98 -5.26 3.00
C ACY I . 11.35 4.68 -26.11
O ACY I . 10.56 5.52 -25.49
OXT ACY I . 12.41 4.12 -25.65
CH3 ACY I . 10.90 4.36 -27.52
C ACY J . 14.32 12.23 -17.96
O ACY J . 15.58 12.50 -17.65
OXT ACY J . 13.28 12.51 -17.28
CH3 ACY J . 14.19 11.50 -19.28
C ACY K . 10.99 -13.82 12.51
O ACY K . 11.55 -14.82 13.14
OXT ACY K . 11.46 -13.17 11.51
CH3 ACY K . 9.64 -13.44 13.07
CA CA L . -1.91 4.29 -27.79
CA CA M . -12.60 13.13 0.40
CA CA N . 2.86 -8.18 13.66
#